data_7MKV
#
_entry.id   7MKV
#
_cell.length_a   162.090
_cell.length_b   162.090
_cell.length_c   221.005
_cell.angle_alpha   90.000
_cell.angle_beta   90.000
_cell.angle_gamma   90.000
#
_symmetry.space_group_name_H-M   'I 4 2 2'
#
loop_
_entity.id
_entity.type
_entity.pdbx_description
1 polymer 'Cysteine desulfurase-like protein ustD'
2 water water
#
_entity_poly.entity_id   1
_entity_poly.type   'polypeptide(L)'
_entity_poly.pdbx_seq_one_letter_code
;MKSVATSSLDDVDKDSVPLGSSINGTAQAETPLENVIDVESVRSHFPVLGGETAAFNNASGTVVLKEAIESTSNFMYSFP
FPPGVDAKSMEAITAYTGNKGKVAAFINALPDEITFGQSTTALFRLLGLSLKPMLNNDCEIVCSTL(CSD)HEAAASAWI
HLSRELGITIKWWSPTTTPNSPDDPVLTTDSLKPLLSPKTRLVTCNHVSNVVGTIHPIREIADVVHTIPGAMLIVDGVAS
VPHRPVDVKELDVDFYCFSWY(LLP)LFGPHLGTLYASRKAQDRYMTSINHYFVSSSSLDGKLALGMPSFELQLMCSPIV
SYLQDTVGWDRIVRQETVLVTILLEYLLSKPSVYRVFGRRNSDPSQRVAIVTFEVVGRSSGDVAMRVNTRNRFRITSGTL
MAPRPTWDVLKPKSSDGLVRVSFVHYNTVEEVRAFCSELDEIVTRDTLEHHHHHH
;
_entity_poly.pdbx_strand_id   A,B,C
#
# COMPACT_ATOMS: atom_id res chain seq x y z
N THR A 31 -7.49 20.11 11.11
CA THR A 31 -7.69 21.51 11.53
C THR A 31 -7.98 22.37 10.31
N PRO A 32 -8.73 23.49 10.44
CA PRO A 32 -8.93 24.43 9.34
C PRO A 32 -7.60 25.07 8.88
N LEU A 33 -7.38 25.11 7.57
CA LEU A 33 -6.16 25.72 6.95
C LEU A 33 -6.14 27.23 7.26
N GLU A 34 -4.99 27.74 7.70
CA GLU A 34 -4.79 29.16 8.09
C GLU A 34 -3.59 29.74 7.31
N ASN A 35 -3.44 31.07 7.33
CA ASN A 35 -2.34 31.80 6.66
C ASN A 35 -0.99 31.37 7.28
N VAL A 36 0.04 31.21 6.44
CA VAL A 36 1.45 30.94 6.86
C VAL A 36 2.16 32.28 7.05
N ILE A 37 1.89 33.25 6.17
CA ILE A 37 2.46 34.63 6.23
C ILE A 37 1.85 35.38 7.41
N ASP A 38 2.56 36.42 7.87
CA ASP A 38 1.99 37.53 8.69
C ASP A 38 1.27 38.48 7.72
N VAL A 39 -0.06 38.39 7.64
CA VAL A 39 -0.90 39.10 6.63
C VAL A 39 -0.57 40.60 6.66
N GLU A 40 -0.56 41.20 7.85
CA GLU A 40 -0.38 42.66 8.04
C GLU A 40 1.02 43.08 7.58
N SER A 41 2.06 42.37 8.03
CA SER A 41 3.49 42.65 7.73
C SER A 41 3.73 42.61 6.21
N VAL A 42 3.26 41.55 5.54
CA VAL A 42 3.39 41.36 4.07
C VAL A 42 2.64 42.48 3.34
N ARG A 43 1.38 42.74 3.71
CA ARG A 43 0.46 43.68 3.02
C ARG A 43 0.81 45.14 3.35
N SER A 44 1.73 45.39 4.28
CA SER A 44 2.28 46.74 4.58
C SER A 44 3.10 47.23 3.38
N HIS A 45 3.64 46.32 2.57
CA HIS A 45 4.45 46.61 1.35
C HIS A 45 3.55 46.84 0.13
N PHE A 46 2.24 46.61 0.26
CA PHE A 46 1.23 46.68 -0.84
C PHE A 46 -0.01 47.42 -0.37
N PRO A 47 0.07 48.76 -0.17
CA PRO A 47 -0.97 49.52 0.53
C PRO A 47 -2.40 49.45 -0.02
N VAL A 48 -2.58 49.22 -1.32
CA VAL A 48 -3.92 49.23 -2.00
C VAL A 48 -4.70 47.97 -1.64
N LEU A 49 -4.06 46.95 -1.08
CA LEU A 49 -4.67 45.65 -0.71
C LEU A 49 -5.64 45.79 0.47
N GLY A 50 -5.71 46.96 1.11
CA GLY A 50 -6.61 47.24 2.24
C GLY A 50 -8.05 47.49 1.82
N GLY A 51 -8.32 47.73 0.53
CA GLY A 51 -9.62 48.20 0.00
C GLY A 51 -10.65 47.10 -0.11
N GLU A 52 -11.72 47.36 -0.89
CA GLU A 52 -12.90 46.48 -1.08
C GLU A 52 -12.53 45.26 -1.92
N THR A 53 -11.80 45.45 -3.01
CA THR A 53 -11.51 44.43 -4.05
C THR A 53 -10.27 43.63 -3.65
N ALA A 54 -10.37 42.30 -3.70
CA ALA A 54 -9.23 41.35 -3.54
C ALA A 54 -8.61 41.10 -4.92
N ALA A 55 -7.27 41.04 -4.98
CA ALA A 55 -6.48 40.92 -6.23
C ALA A 55 -6.28 39.44 -6.58
N PHE A 56 -7.12 38.89 -7.47
CA PHE A 56 -7.15 37.46 -7.88
C PHE A 56 -6.91 37.32 -9.38
N ASN A 57 -6.23 38.31 -9.99
CA ASN A 57 -5.84 38.30 -11.42
C ASN A 57 -4.35 38.70 -11.53
N ASN A 58 -3.53 38.11 -10.68
CA ASN A 58 -2.09 38.47 -10.50
C ASN A 58 -1.25 37.95 -11.67
N ALA A 59 -1.78 36.98 -12.44
CA ALA A 59 -1.11 36.42 -13.64
C ALA A 59 -1.20 37.42 -14.81
N SER A 60 -2.04 38.46 -14.67
CA SER A 60 -2.15 39.58 -15.66
C SER A 60 -1.41 40.83 -15.14
N GLY A 61 -1.02 40.85 -13.87
CA GLY A 61 -0.29 41.97 -13.25
C GLY A 61 -0.50 42.04 -11.74
N THR A 62 0.57 42.19 -10.98
CA THR A 62 0.57 42.27 -9.49
C THR A 62 0.55 43.73 -9.04
N VAL A 63 0.24 43.97 -7.77
CA VAL A 63 0.45 45.28 -7.10
C VAL A 63 1.98 45.48 -6.96
N VAL A 64 2.45 46.70 -7.16
CA VAL A 64 3.91 47.02 -7.16
C VAL A 64 4.38 47.08 -5.70
N LEU A 65 5.58 46.56 -5.44
CA LEU A 65 6.25 46.62 -4.10
C LEU A 65 6.53 48.09 -3.77
N LYS A 66 6.09 48.53 -2.59
CA LYS A 66 6.31 49.92 -2.06
C LYS A 66 7.80 50.30 -2.21
N GLU A 67 8.70 49.43 -1.75
CA GLU A 67 10.18 49.69 -1.74
C GLU A 67 10.68 49.92 -3.16
N ALA A 68 10.08 49.26 -4.16
CA ALA A 68 10.40 49.41 -5.60
C ALA A 68 10.05 50.83 -6.08
N ILE A 69 8.87 51.34 -5.67
CA ILE A 69 8.38 52.70 -6.05
C ILE A 69 9.30 53.75 -5.42
N GLU A 70 9.65 53.55 -4.14
CA GLU A 70 10.52 54.47 -3.36
C GLU A 70 11.91 54.54 -4.01
N SER A 71 12.40 53.42 -4.56
CA SER A 71 13.73 53.29 -5.20
C SER A 71 13.79 54.09 -6.49
N THR A 72 12.76 53.99 -7.34
CA THR A 72 12.67 54.66 -8.66
C THR A 72 12.46 56.17 -8.45
N SER A 73 11.63 56.57 -7.48
CA SER A 73 11.43 57.98 -7.06
C SER A 73 12.79 58.62 -6.77
N ASN A 74 13.59 57.98 -5.90
CA ASN A 74 14.91 58.47 -5.44
C ASN A 74 15.85 58.64 -6.63
N PHE A 75 15.87 57.68 -7.56
CA PHE A 75 16.71 57.73 -8.78
C PHE A 75 16.26 58.89 -9.67
N MET A 76 14.96 59.05 -9.89
CA MET A 76 14.39 60.04 -10.84
C MET A 76 14.48 61.46 -10.26
N TYR A 77 14.57 61.60 -8.93
CA TYR A 77 14.79 62.88 -8.22
C TYR A 77 16.30 63.20 -8.16
N SER A 78 17.15 62.22 -8.45
CA SER A 78 18.63 62.32 -8.43
C SER A 78 19.14 62.92 -9.76
N PHE A 79 20.43 63.23 -9.82
CA PHE A 79 21.10 63.82 -11.02
C PHE A 79 20.98 62.83 -12.18
N PRO A 80 20.62 63.28 -13.40
CA PRO A 80 20.32 62.38 -14.50
C PRO A 80 21.54 61.59 -15.02
N PHE A 81 21.29 60.41 -15.60
CA PHE A 81 22.25 59.66 -16.45
C PHE A 81 22.29 60.35 -17.81
N PRO A 82 23.45 60.37 -18.54
CA PRO A 82 24.61 59.55 -18.20
C PRO A 82 25.48 60.18 -17.11
N PRO A 83 25.95 59.38 -16.12
CA PRO A 83 26.64 59.94 -14.95
C PRO A 83 28.08 60.39 -15.25
N GLY A 84 28.62 61.28 -14.40
CA GLY A 84 29.96 61.87 -14.53
C GLY A 84 31.05 60.97 -13.96
N VAL A 85 32.20 61.56 -13.63
CA VAL A 85 33.41 60.86 -13.08
C VAL A 85 33.60 61.25 -11.61
N ASP A 86 32.78 62.17 -11.07
CA ASP A 86 32.84 62.63 -9.66
C ASP A 86 32.43 61.49 -8.71
N ALA A 87 32.74 61.64 -7.42
CA ALA A 87 32.54 60.63 -6.36
C ALA A 87 31.05 60.24 -6.26
N LYS A 88 30.15 61.22 -6.27
CA LYS A 88 28.68 61.01 -6.13
C LYS A 88 28.13 60.29 -7.38
N SER A 89 28.66 60.61 -8.56
CA SER A 89 28.32 59.97 -9.85
C SER A 89 28.76 58.50 -9.85
N MET A 90 29.96 58.21 -9.31
CA MET A 90 30.54 56.84 -9.21
C MET A 90 29.70 56.00 -8.24
N GLU A 91 29.11 56.62 -7.21
CA GLU A 91 28.21 55.96 -6.23
C GLU A 91 26.90 55.56 -6.94
N ALA A 92 26.44 56.38 -7.89
CA ALA A 92 25.24 56.13 -8.71
C ALA A 92 25.52 55.01 -9.72
N ILE A 93 26.75 54.93 -10.25
CA ILE A 93 27.22 53.84 -11.17
C ILE A 93 27.25 52.53 -10.37
N THR A 94 27.79 52.55 -9.15
CA THR A 94 27.88 51.39 -8.22
C THR A 94 26.46 50.88 -7.90
N ALA A 95 25.49 51.78 -7.72
CA ALA A 95 24.08 51.47 -7.42
C ALA A 95 23.41 50.78 -8.62
N TYR A 96 23.69 51.25 -9.84
CA TYR A 96 23.19 50.69 -11.12
C TYR A 96 23.77 49.28 -11.30
N THR A 97 25.10 49.15 -11.24
CA THR A 97 25.86 47.88 -11.44
C THR A 97 25.49 46.89 -10.32
N GLY A 98 25.37 47.37 -9.08
CA GLY A 98 24.92 46.60 -7.91
C GLY A 98 23.52 46.03 -8.13
N ASN A 99 22.58 46.86 -8.61
CA ASN A 99 21.18 46.47 -8.92
C ASN A 99 21.18 45.33 -9.94
N LYS A 100 21.97 45.44 -11.01
CA LYS A 100 22.06 44.42 -12.08
C LYS A 100 22.66 43.13 -11.52
N GLY A 101 23.68 43.25 -10.66
CA GLY A 101 24.37 42.12 -10.01
C GLY A 101 23.44 41.27 -9.15
N LYS A 102 22.51 41.92 -8.44
CA LYS A 102 21.54 41.24 -7.53
C LYS A 102 20.47 40.53 -8.36
N VAL A 103 19.96 41.18 -9.42
CA VAL A 103 18.94 40.63 -10.37
C VAL A 103 19.53 39.40 -11.04
N ALA A 104 20.80 39.45 -11.46
CA ALA A 104 21.54 38.33 -12.09
C ALA A 104 21.62 37.15 -11.10
N ALA A 105 21.95 37.42 -9.84
CA ALA A 105 22.07 36.43 -8.74
C ALA A 105 20.70 35.84 -8.40
N PHE A 106 19.61 36.61 -8.60
CA PHE A 106 18.20 36.18 -8.38
C PHE A 106 17.90 34.90 -9.18
N ILE A 107 18.48 34.79 -10.38
CA ILE A 107 18.28 33.61 -11.29
C ILE A 107 19.59 32.82 -11.43
N ASN A 108 20.62 33.17 -10.65
CA ASN A 108 21.96 32.49 -10.61
C ASN A 108 22.64 32.65 -11.98
N ALA A 109 22.50 33.83 -12.59
CA ALA A 109 23.18 34.22 -13.85
C ALA A 109 24.30 35.21 -13.52
N LEU A 110 25.29 35.35 -14.41
CA LEU A 110 26.30 36.42 -14.35
C LEU A 110 25.69 37.69 -14.94
N PRO A 111 26.15 38.90 -14.55
CA PRO A 111 25.59 40.16 -15.06
C PRO A 111 25.63 40.30 -16.59
N ASP A 112 26.68 39.79 -17.23
CA ASP A 112 26.90 39.87 -18.70
C ASP A 112 26.00 38.83 -19.43
N GLU A 113 25.28 38.00 -18.67
CA GLU A 113 24.36 36.96 -19.21
C GLU A 113 22.90 37.42 -19.10
N ILE A 114 22.64 38.61 -18.56
CA ILE A 114 21.24 39.17 -18.45
C ILE A 114 21.18 40.54 -19.13
N THR A 115 19.99 40.90 -19.65
CA THR A 115 19.67 42.24 -20.20
C THR A 115 18.21 42.59 -19.85
N PHE A 116 17.93 43.87 -19.61
CA PHE A 116 16.57 44.42 -19.41
C PHE A 116 16.03 44.88 -20.76
N GLY A 117 14.73 44.68 -21.00
CA GLY A 117 14.04 45.07 -22.24
C GLY A 117 12.64 45.61 -21.95
N GLN A 118 11.94 46.03 -23.00
CA GLN A 118 10.57 46.62 -22.94
C GLN A 118 9.61 45.61 -22.33
N SER A 119 9.70 44.34 -22.74
CA SER A 119 8.73 43.26 -22.43
C SER A 119 9.32 41.91 -22.89
N THR A 120 8.77 40.80 -22.41
CA THR A 120 9.16 39.44 -22.86
C THR A 120 8.88 39.33 -24.36
N THR A 121 7.70 39.79 -24.81
CA THR A 121 7.29 39.78 -26.24
C THR A 121 8.37 40.46 -27.10
N ALA A 122 8.86 41.62 -26.65
CA ALA A 122 9.88 42.42 -27.35
C ALA A 122 11.21 41.68 -27.35
N LEU A 123 11.66 41.22 -26.18
CA LEU A 123 12.99 40.57 -26.00
C LEU A 123 13.08 39.28 -26.82
N PHE A 124 12.00 38.50 -26.89
CA PHE A 124 11.91 37.27 -27.73
C PHE A 124 12.03 37.65 -29.22
N ARG A 125 11.39 38.75 -29.62
CA ARG A 125 11.46 39.25 -31.03
C ARG A 125 12.89 39.70 -31.35
N LEU A 126 13.55 40.44 -30.45
CA LEU A 126 14.94 40.91 -30.65
C LEU A 126 15.91 39.71 -30.63
N LEU A 127 15.65 38.70 -29.78
CA LEU A 127 16.47 37.45 -29.74
C LEU A 127 16.39 36.76 -31.13
N GLY A 128 15.20 36.66 -31.69
CA GLY A 128 14.98 36.15 -33.07
C GLY A 128 15.85 36.85 -34.09
N LEU A 129 15.91 38.19 -34.06
CA LEU A 129 16.74 39.02 -34.98
C LEU A 129 18.22 38.69 -34.76
N SER A 130 18.63 38.45 -33.51
CA SER A 130 20.02 38.13 -33.12
C SER A 130 20.42 36.73 -33.60
N LEU A 131 19.48 35.77 -33.55
CA LEU A 131 19.73 34.36 -33.94
C LEU A 131 19.66 34.19 -35.46
N LYS A 132 18.85 35.00 -36.15
CA LYS A 132 18.46 34.82 -37.57
C LYS A 132 19.69 34.69 -38.48
N PRO A 133 20.72 35.58 -38.35
CA PRO A 133 21.84 35.57 -39.29
C PRO A 133 22.60 34.22 -39.41
N MET A 134 22.59 33.41 -38.34
CA MET A 134 23.32 32.11 -38.31
C MET A 134 22.33 30.95 -38.45
N LEU A 135 21.08 31.23 -38.85
CA LEU A 135 20.05 30.19 -39.17
C LEU A 135 19.71 30.28 -40.65
N ASN A 136 18.99 29.27 -41.17
CA ASN A 136 18.56 29.21 -42.60
C ASN A 136 17.37 28.27 -42.71
N ASN A 137 16.83 28.10 -43.92
CA ASN A 137 15.60 27.33 -44.25
C ASN A 137 15.83 25.81 -44.06
N ASP A 138 17.07 25.36 -43.84
CA ASP A 138 17.41 23.92 -43.63
C ASP A 138 17.33 23.56 -42.14
N CYS A 139 17.34 24.55 -41.25
N CYS A 139 17.35 24.57 -41.25
CA CYS A 139 17.26 24.34 -39.77
CA CYS A 139 17.22 24.44 -39.78
C CYS A 139 15.79 24.17 -39.36
C CYS A 139 15.78 24.06 -39.43
N GLU A 140 15.55 23.50 -38.24
CA GLU A 140 14.19 23.16 -37.74
C GLU A 140 13.94 23.88 -36.41
N ILE A 141 12.76 24.49 -36.28
CA ILE A 141 12.27 25.15 -35.05
C ILE A 141 11.10 24.31 -34.50
N VAL A 142 11.20 23.88 -33.25
CA VAL A 142 10.15 23.11 -32.51
C VAL A 142 9.54 24.03 -31.45
N CYS A 143 8.24 24.28 -31.52
CA CYS A 143 7.50 25.17 -30.59
C CYS A 143 6.39 24.37 -29.89
N SER A 144 6.31 24.50 -28.57
CA SER A 144 5.22 23.92 -27.74
C SER A 144 3.91 24.66 -28.06
N THR A 145 2.82 23.91 -28.20
CA THR A 145 1.45 24.46 -28.45
C THR A 145 0.86 25.00 -27.14
N LEU A 146 1.59 24.91 -26.02
CA LEU A 146 1.22 25.52 -24.72
C LEU A 146 1.84 26.93 -24.61
N CSD A 147 2.53 27.40 -25.65
CA CSD A 147 3.25 28.70 -25.65
CB CSD A 147 4.22 28.81 -26.82
SG CSD A 147 5.80 28.12 -26.31
C CSD A 147 2.27 29.87 -25.68
O CSD A 147 1.29 29.81 -26.47
OD1 CSD A 147 6.71 28.31 -27.47
OD2 CSD A 147 6.35 29.02 -25.13
N HIS A 148 2.53 30.88 -24.86
CA HIS A 148 1.94 32.25 -24.94
C HIS A 148 2.27 32.83 -26.32
N GLU A 149 1.39 33.66 -26.89
CA GLU A 149 1.56 34.21 -28.26
C GLU A 149 2.76 35.15 -28.29
N ALA A 150 3.15 35.72 -27.14
CA ALA A 150 4.43 36.44 -26.94
C ALA A 150 5.59 35.63 -27.52
N ALA A 151 5.60 34.32 -27.27
CA ALA A 151 6.61 33.36 -27.78
C ALA A 151 6.24 32.96 -29.22
N ALA A 152 5.00 32.49 -29.42
CA ALA A 152 4.51 31.96 -30.72
C ALA A 152 4.77 32.98 -31.83
N SER A 153 4.40 34.25 -31.60
CA SER A 153 4.56 35.36 -32.58
C SER A 153 6.02 35.54 -32.94
N ALA A 154 6.93 35.46 -31.96
CA ALA A 154 8.38 35.62 -32.15
C ALA A 154 8.89 34.56 -33.13
N TRP A 155 8.55 33.30 -32.90
CA TRP A 155 9.10 32.13 -33.63
C TRP A 155 8.34 31.92 -34.94
N ILE A 156 7.07 32.34 -35.01
CA ILE A 156 6.30 32.38 -36.30
C ILE A 156 6.96 33.41 -37.22
N HIS A 157 7.23 34.62 -36.71
N HIS A 157 7.23 34.62 -36.71
CA HIS A 157 7.86 35.73 -37.47
CA HIS A 157 7.86 35.75 -37.43
C HIS A 157 9.27 35.32 -37.91
C HIS A 157 9.26 35.34 -37.90
N LEU A 158 10.08 34.76 -37.01
CA LEU A 158 11.46 34.30 -37.31
C LEU A 158 11.39 33.22 -38.41
N SER A 159 10.48 32.25 -38.26
CA SER A 159 10.25 31.14 -39.21
C SER A 159 9.90 31.70 -40.59
N ARG A 160 8.97 32.64 -40.67
CA ARG A 160 8.49 33.23 -41.94
C ARG A 160 9.65 33.94 -42.66
N GLU A 161 10.51 34.63 -41.92
CA GLU A 161 11.64 35.41 -42.48
C GLU A 161 12.71 34.46 -43.02
N LEU A 162 12.92 33.32 -42.35
CA LEU A 162 13.92 32.29 -42.72
C LEU A 162 13.34 31.34 -43.79
N GLY A 163 12.02 31.32 -43.99
CA GLY A 163 11.34 30.36 -44.89
C GLY A 163 11.21 28.98 -44.26
N ILE A 164 11.00 28.95 -42.94
CA ILE A 164 10.87 27.71 -42.12
C ILE A 164 9.38 27.50 -41.80
N THR A 165 8.96 26.23 -41.73
CA THR A 165 7.66 25.81 -41.17
C THR A 165 7.93 25.17 -39.81
N ILE A 166 7.26 25.64 -38.77
CA ILE A 166 7.49 25.19 -37.36
C ILE A 166 6.98 23.75 -37.23
N LYS A 167 7.77 22.90 -36.59
CA LYS A 167 7.36 21.55 -36.11
C LYS A 167 6.72 21.72 -34.74
N TRP A 168 5.40 21.87 -34.67
CA TRP A 168 4.68 22.16 -33.41
C TRP A 168 4.69 20.92 -32.50
N TRP A 169 4.95 21.16 -31.21
CA TRP A 169 5.13 20.13 -30.15
C TRP A 169 3.88 20.12 -29.26
N SER A 170 3.01 19.12 -29.44
CA SER A 170 1.74 18.95 -28.69
C SER A 170 2.05 18.40 -27.30
N PRO A 171 1.30 18.82 -26.25
CA PRO A 171 1.43 18.24 -24.93
C PRO A 171 0.71 16.88 -24.85
N THR A 172 0.97 16.13 -23.79
CA THR A 172 0.38 14.79 -23.54
C THR A 172 -0.75 14.91 -22.51
N THR A 173 -1.92 14.36 -22.83
CA THR A 173 -3.04 14.08 -21.89
C THR A 173 -3.25 12.56 -21.82
N THR A 174 -3.68 12.07 -20.65
CA THR A 174 -4.07 10.65 -20.43
C THR A 174 -5.58 10.61 -20.23
N PRO A 175 -6.27 9.50 -20.59
CA PRO A 175 -7.73 9.46 -20.59
C PRO A 175 -8.38 9.68 -19.21
N ASN A 176 -7.66 9.37 -18.13
CA ASN A 176 -8.12 9.55 -16.73
C ASN A 176 -7.96 11.03 -16.32
N SER A 177 -7.10 11.79 -17.02
CA SER A 177 -6.86 13.25 -16.78
C SER A 177 -6.85 14.00 -18.11
N PRO A 178 -8.00 14.11 -18.80
CA PRO A 178 -8.05 14.62 -20.17
C PRO A 178 -7.82 16.14 -20.30
N ASP A 179 -8.01 16.89 -19.21
CA ASP A 179 -7.90 18.38 -19.16
C ASP A 179 -6.60 18.77 -18.44
N ASP A 180 -5.65 17.84 -18.31
CA ASP A 180 -4.37 18.04 -17.59
C ASP A 180 -3.22 17.86 -18.57
N PRO A 181 -2.98 18.83 -19.49
CA PRO A 181 -1.90 18.69 -20.48
C PRO A 181 -0.53 18.73 -19.79
N VAL A 182 0.37 17.83 -20.18
CA VAL A 182 1.74 17.67 -19.61
C VAL A 182 2.75 17.76 -20.76
N LEU A 183 3.92 18.33 -20.50
CA LEU A 183 5.03 18.43 -21.47
C LEU A 183 6.07 17.36 -21.10
N THR A 184 6.27 16.37 -21.97
CA THR A 184 7.14 15.20 -21.73
C THR A 184 8.28 15.18 -22.75
N THR A 185 9.45 14.70 -22.34
CA THR A 185 10.61 14.45 -23.23
C THR A 185 10.21 13.41 -24.28
N ASP A 186 9.33 12.47 -23.94
CA ASP A 186 8.90 11.36 -24.83
C ASP A 186 8.10 11.92 -26.00
N SER A 187 7.32 12.98 -25.80
CA SER A 187 6.54 13.67 -26.87
C SER A 187 7.47 14.52 -27.75
N LEU A 188 8.59 15.02 -27.22
CA LEU A 188 9.54 15.92 -27.93
C LEU A 188 10.44 15.14 -28.90
N LYS A 189 10.92 13.96 -28.49
CA LYS A 189 11.99 13.20 -29.20
C LYS A 189 11.64 12.93 -30.67
N PRO A 190 10.39 12.54 -31.02
CA PRO A 190 10.04 12.28 -32.42
C PRO A 190 10.19 13.50 -33.34
N LEU A 191 10.08 14.72 -32.78
CA LEU A 191 10.14 16.01 -33.54
C LEU A 191 11.60 16.44 -33.69
N LEU A 192 12.52 15.89 -32.90
CA LEU A 192 13.97 16.23 -32.96
C LEU A 192 14.60 15.55 -34.17
N SER A 193 15.53 16.26 -34.83
CA SER A 193 16.37 15.74 -35.93
C SER A 193 17.77 16.32 -35.76
N PRO A 194 18.78 15.80 -36.48
CA PRO A 194 20.10 16.44 -36.49
C PRO A 194 20.08 17.92 -36.92
N LYS A 195 19.01 18.35 -37.59
CA LYS A 195 18.86 19.74 -38.12
C LYS A 195 18.02 20.61 -37.16
N THR A 196 17.56 20.07 -36.02
CA THR A 196 16.88 20.88 -34.97
C THR A 196 17.86 21.94 -34.44
N ARG A 197 17.44 23.21 -34.40
CA ARG A 197 18.28 24.33 -33.91
C ARG A 197 17.58 25.10 -32.80
N LEU A 198 16.25 25.28 -32.86
CA LEU A 198 15.45 25.95 -31.80
C LEU A 198 14.39 25.00 -31.24
N VAL A 199 14.35 24.87 -29.91
CA VAL A 199 13.19 24.30 -29.16
C VAL A 199 12.70 25.38 -28.20
N THR A 200 11.40 25.66 -28.21
CA THR A 200 10.77 26.75 -27.42
C THR A 200 9.60 26.16 -26.63
N CYS A 201 9.50 26.50 -25.35
CA CYS A 201 8.40 26.12 -24.43
C CYS A 201 8.37 27.11 -23.27
N ASN A 202 7.37 27.01 -22.40
CA ASN A 202 7.29 27.83 -21.16
C ASN A 202 7.63 26.92 -19.98
N HIS A 203 8.10 27.51 -18.89
CA HIS A 203 8.35 26.84 -17.58
C HIS A 203 6.99 26.54 -16.95
N VAL A 204 6.06 27.49 -17.06
CA VAL A 204 4.63 27.36 -16.66
C VAL A 204 3.79 28.06 -17.75
N SER A 205 2.66 27.45 -18.12
CA SER A 205 1.64 28.07 -19.01
C SER A 205 0.71 28.94 -18.17
N ASN A 206 0.41 30.14 -18.65
CA ASN A 206 -0.43 31.16 -17.95
C ASN A 206 -1.91 30.77 -17.96
N VAL A 207 -2.29 29.71 -18.68
CA VAL A 207 -3.71 29.23 -18.73
C VAL A 207 -3.80 27.79 -18.21
N VAL A 208 -2.73 27.27 -17.57
CA VAL A 208 -2.69 25.86 -17.05
C VAL A 208 -2.14 25.86 -15.62
N GLY A 209 -0.95 26.43 -15.42
CA GLY A 209 -0.32 26.59 -14.09
C GLY A 209 0.56 25.40 -13.72
N THR A 210 0.70 24.42 -14.60
CA THR A 210 1.52 23.20 -14.39
C THR A 210 3.00 23.56 -14.57
N ILE A 211 3.87 23.00 -13.73
CA ILE A 211 5.34 23.16 -13.81
C ILE A 211 5.88 22.08 -14.76
N HIS A 212 6.50 22.49 -15.87
CA HIS A 212 7.12 21.61 -16.88
C HIS A 212 8.54 21.24 -16.45
N PRO A 213 9.06 20.07 -16.89
CA PRO A 213 10.37 19.58 -16.45
C PRO A 213 11.49 20.09 -17.36
N ILE A 214 11.92 21.34 -17.13
CA ILE A 214 12.78 22.12 -18.07
C ILE A 214 14.18 21.49 -18.18
N ARG A 215 14.77 21.04 -17.06
CA ARG A 215 16.14 20.46 -17.06
C ARG A 215 16.15 19.16 -17.88
N GLU A 216 15.09 18.36 -17.76
CA GLU A 216 14.95 17.09 -18.53
C GLU A 216 14.85 17.43 -20.02
N ILE A 217 14.05 18.44 -20.38
CA ILE A 217 13.87 18.90 -21.79
C ILE A 217 15.21 19.41 -22.32
N ALA A 218 15.92 20.23 -21.54
CA ALA A 218 17.25 20.79 -21.86
C ALA A 218 18.24 19.65 -22.17
N ASP A 219 18.34 18.65 -21.30
CA ASP A 219 19.26 17.48 -21.45
C ASP A 219 18.96 16.77 -22.77
N VAL A 220 17.68 16.62 -23.13
CA VAL A 220 17.24 15.95 -24.39
C VAL A 220 17.57 16.85 -25.60
N VAL A 221 17.28 18.15 -25.53
CA VAL A 221 17.54 19.12 -26.64
C VAL A 221 19.05 19.11 -26.94
N HIS A 222 19.88 19.06 -25.89
CA HIS A 222 21.36 19.15 -25.98
C HIS A 222 21.99 17.84 -26.46
N THR A 223 21.21 16.77 -26.69
CA THR A 223 21.68 15.55 -27.42
C THR A 223 21.84 15.88 -28.90
N ILE A 224 21.16 16.94 -29.38
CA ILE A 224 21.29 17.47 -30.77
C ILE A 224 22.31 18.60 -30.75
N PRO A 225 23.55 18.38 -31.26
CA PRO A 225 24.56 19.43 -31.25
C PRO A 225 24.11 20.61 -32.13
N GLY A 226 24.28 21.83 -31.61
CA GLY A 226 23.84 23.07 -32.26
C GLY A 226 22.46 23.52 -31.81
N ALA A 227 21.65 22.63 -31.22
CA ALA A 227 20.27 22.93 -30.78
C ALA A 227 20.32 23.77 -29.49
N MET A 228 19.39 24.73 -29.37
CA MET A 228 19.25 25.62 -28.19
C MET A 228 17.82 25.56 -27.66
N LEU A 229 17.66 25.62 -26.34
CA LEU A 229 16.33 25.66 -25.67
C LEU A 229 16.06 27.09 -25.18
N ILE A 230 14.92 27.66 -25.59
CA ILE A 230 14.41 29.00 -25.17
C ILE A 230 13.18 28.80 -24.29
N VAL A 231 13.24 29.24 -23.03
CA VAL A 231 12.15 29.02 -22.03
C VAL A 231 11.52 30.37 -21.65
N ASP A 232 10.21 30.47 -21.82
CA ASP A 232 9.35 31.56 -21.29
C ASP A 232 9.05 31.23 -19.82
N GLY A 233 9.61 32.01 -18.89
CA GLY A 233 9.46 31.80 -17.44
C GLY A 233 8.62 32.88 -16.77
N VAL A 234 7.72 33.53 -17.51
CA VAL A 234 6.90 34.67 -17.01
C VAL A 234 5.96 34.18 -15.90
N ALA A 235 5.40 32.97 -16.05
CA ALA A 235 4.40 32.39 -15.11
C ALA A 235 5.09 31.55 -14.03
N SER A 236 6.42 31.49 -14.00
CA SER A 236 7.22 30.66 -13.07
C SER A 236 7.91 31.51 -12.00
N VAL A 237 8.65 32.53 -12.44
CA VAL A 237 9.61 33.33 -11.60
C VAL A 237 8.87 33.98 -10.43
N PRO A 238 7.61 34.48 -10.59
CA PRO A 238 6.84 34.99 -9.44
C PRO A 238 6.51 33.98 -8.32
N HIS A 239 6.45 32.69 -8.64
CA HIS A 239 5.90 31.63 -7.73
C HIS A 239 7.01 30.75 -7.14
N ARG A 240 8.14 30.60 -7.83
CA ARG A 240 9.21 29.63 -7.43
C ARG A 240 10.59 30.26 -7.62
N PRO A 241 11.57 29.90 -6.76
CA PRO A 241 12.96 30.27 -6.99
C PRO A 241 13.47 29.60 -8.28
N VAL A 242 14.24 30.33 -9.09
CA VAL A 242 14.74 29.88 -10.42
C VAL A 242 16.28 29.93 -10.40
N ASP A 243 16.91 28.89 -10.96
CA ASP A 243 18.37 28.75 -11.13
C ASP A 243 18.65 28.29 -12.56
N VAL A 244 18.97 29.24 -13.46
CA VAL A 244 19.09 29.01 -14.93
C VAL A 244 20.25 28.05 -15.23
N LYS A 245 21.21 27.91 -14.31
CA LYS A 245 22.37 26.98 -14.46
C LYS A 245 21.91 25.55 -14.16
N GLU A 246 21.07 25.37 -13.15
CA GLU A 246 20.48 24.06 -12.78
C GLU A 246 19.47 23.64 -13.85
N LEU A 247 18.79 24.60 -14.48
CA LEU A 247 17.87 24.33 -15.62
C LEU A 247 18.69 24.04 -16.88
N ASP A 248 19.90 24.59 -16.96
CA ASP A 248 20.85 24.41 -18.09
C ASP A 248 20.16 24.86 -19.38
N VAL A 249 19.28 25.86 -19.30
CA VAL A 249 18.59 26.49 -20.46
C VAL A 249 19.62 27.37 -21.20
N ASP A 250 19.45 27.52 -22.52
CA ASP A 250 20.25 28.46 -23.34
C ASP A 250 19.74 29.88 -23.10
N PHE A 251 18.41 30.05 -23.06
CA PHE A 251 17.72 31.35 -22.89
C PHE A 251 16.52 31.18 -21.95
N TYR A 252 16.32 32.16 -21.05
CA TYR A 252 15.21 32.25 -20.09
C TYR A 252 14.75 33.72 -20.04
N CYS A 253 13.44 33.96 -20.05
CA CYS A 253 12.86 35.33 -20.07
C CYS A 253 11.68 35.43 -19.10
N PHE A 254 11.56 36.56 -18.40
CA PHE A 254 10.46 36.83 -17.43
C PHE A 254 10.13 38.33 -17.41
N SER A 255 8.95 38.67 -16.88
CA SER A 255 8.34 40.03 -16.88
C SER A 255 8.07 40.47 -15.44
N TRP A 256 8.59 41.63 -15.04
CA TRP A 256 8.62 42.07 -13.62
C TRP A 256 7.23 42.44 -13.10
N TYR A 257 6.28 42.79 -13.98
CA TYR A 257 4.93 43.28 -13.59
C TYR A 257 4.04 42.12 -13.09
N1 LLP A 258 4.31 34.79 -21.43
C2 LLP A 258 3.56 34.39 -20.42
C2' LLP A 258 3.62 32.96 -20.01
C3 LLP A 258 2.71 35.30 -19.75
O3 LLP A 258 1.97 34.85 -18.72
C4 LLP A 258 2.67 36.64 -20.15
C4' LLP A 258 1.81 37.60 -19.43
C5 LLP A 258 3.49 37.04 -21.23
C6 LLP A 258 4.27 36.09 -21.82
C5' LLP A 258 3.52 38.45 -21.75
OP4 LLP A 258 4.75 39.13 -21.32
P LLP A 258 5.01 40.66 -21.75
OP1 LLP A 258 6.10 41.14 -20.79
OP2 LLP A 258 3.69 41.37 -21.56
OP3 LLP A 258 5.46 40.63 -23.19
N LLP A 258 4.49 40.87 -13.23
CA LLP A 258 3.83 39.69 -12.64
CB LLP A 258 3.70 38.61 -13.73
CG LLP A 258 2.86 39.08 -14.93
CD LLP A 258 2.63 38.02 -16.01
CE LLP A 258 1.95 38.57 -17.27
NZ LLP A 258 1.55 37.50 -18.17
C LLP A 258 4.60 39.31 -11.36
O LLP A 258 4.15 38.38 -10.66
N LEU A 259 5.62 40.11 -11.01
CA LEU A 259 6.62 39.90 -9.92
C LEU A 259 6.69 41.13 -9.00
N PHE A 260 5.60 41.86 -8.80
CA PHE A 260 5.51 42.99 -7.84
C PHE A 260 6.38 44.16 -8.31
N GLY A 261 6.58 44.29 -9.62
CA GLY A 261 7.54 45.23 -10.22
C GLY A 261 6.95 46.02 -11.39
N PRO A 262 7.81 46.71 -12.18
CA PRO A 262 7.36 47.46 -13.34
C PRO A 262 7.07 46.58 -14.57
N HIS A 263 6.40 47.15 -15.58
CA HIS A 263 6.24 46.55 -16.93
C HIS A 263 7.60 46.62 -17.63
N LEU A 264 8.39 45.54 -17.50
CA LEU A 264 9.83 45.46 -17.87
C LEU A 264 10.23 43.99 -17.96
N GLY A 265 10.89 43.61 -19.05
CA GLY A 265 11.37 42.23 -19.28
C GLY A 265 12.82 42.07 -18.84
N THR A 266 13.22 40.85 -18.50
CA THR A 266 14.63 40.44 -18.34
C THR A 266 14.84 39.10 -19.07
N LEU A 267 15.82 39.08 -19.98
CA LEU A 267 16.22 37.88 -20.76
C LEU A 267 17.59 37.42 -20.26
N TYR A 268 17.74 36.12 -19.99
CA TYR A 268 19.03 35.45 -19.73
C TYR A 268 19.49 34.77 -21.03
N ALA A 269 20.79 34.78 -21.28
CA ALA A 269 21.47 34.04 -22.37
C ALA A 269 22.79 33.52 -21.84
N SER A 270 22.99 32.20 -21.89
CA SER A 270 24.25 31.54 -21.45
C SER A 270 25.41 32.08 -22.28
N ARG A 271 26.62 32.08 -21.70
CA ARG A 271 27.86 32.50 -22.38
C ARG A 271 28.02 31.68 -23.68
N LYS A 272 27.83 30.37 -23.59
CA LYS A 272 27.92 29.44 -24.76
C LYS A 272 26.96 29.92 -25.86
N ALA A 273 25.70 30.18 -25.51
CA ALA A 273 24.62 30.59 -26.45
C ALA A 273 24.96 31.93 -27.11
N GLN A 274 25.49 32.87 -26.33
CA GLN A 274 25.91 34.22 -26.82
C GLN A 274 27.04 34.05 -27.85
N ASP A 275 28.12 33.38 -27.46
CA ASP A 275 29.36 33.26 -28.29
C ASP A 275 29.07 32.48 -29.57
N ARG A 276 28.19 31.48 -29.53
CA ARG A 276 28.02 30.48 -30.62
C ARG A 276 26.87 30.84 -31.55
N TYR A 277 25.75 31.38 -31.04
CA TYR A 277 24.46 31.47 -31.77
C TYR A 277 24.03 32.92 -32.05
N MET A 278 24.50 33.91 -31.30
CA MET A 278 23.94 35.29 -31.32
C MET A 278 24.82 36.23 -32.16
N THR A 279 24.17 37.10 -32.95
CA THR A 279 24.77 38.24 -33.67
C THR A 279 24.18 39.54 -33.08
N SER A 280 25.03 40.52 -32.81
CA SER A 280 24.64 41.88 -32.31
C SER A 280 23.63 42.51 -33.27
N ILE A 281 22.57 43.11 -32.71
CA ILE A 281 21.57 43.92 -33.48
C ILE A 281 21.78 45.41 -33.16
N ASN A 282 22.87 45.74 -32.46
CA ASN A 282 23.18 47.10 -31.93
C ASN A 282 24.11 47.81 -32.93
N HIS A 283 24.43 49.08 -32.67
CA HIS A 283 25.34 49.93 -33.50
C HIS A 283 26.69 49.22 -33.66
N TYR A 284 27.35 49.41 -34.81
CA TYR A 284 28.61 48.72 -35.19
C TYR A 284 29.71 49.00 -34.16
N PHE A 285 29.69 50.17 -33.51
CA PHE A 285 30.76 50.66 -32.59
C PHE A 285 30.57 50.13 -31.16
N VAL A 286 29.43 49.49 -30.85
CA VAL A 286 29.12 48.96 -29.49
C VAL A 286 29.68 47.53 -29.36
N SER A 287 30.50 47.28 -28.33
CA SER A 287 31.09 45.95 -28.01
C SER A 287 29.95 44.94 -27.81
N SER A 288 30.09 43.75 -28.40
CA SER A 288 29.02 42.72 -28.50
C SER A 288 29.28 41.54 -27.52
N SER A 289 30.19 41.71 -26.55
CA SER A 289 30.60 40.65 -25.59
C SER A 289 29.47 40.35 -24.60
N SER A 290 28.87 41.38 -24.00
CA SER A 290 27.72 41.26 -23.07
C SER A 290 26.42 41.11 -23.87
N LEU A 291 25.36 40.64 -23.21
CA LEU A 291 23.99 40.53 -23.80
C LEU A 291 23.42 41.94 -24.02
N ASP A 292 23.72 42.88 -23.11
CA ASP A 292 23.37 44.32 -23.25
C ASP A 292 23.93 44.82 -24.60
N GLY A 293 25.23 44.61 -24.83
CA GLY A 293 25.93 45.00 -26.07
C GLY A 293 25.22 44.48 -27.32
N LYS A 294 24.70 43.25 -27.26
CA LYS A 294 24.08 42.57 -28.43
C LYS A 294 22.66 43.09 -28.68
N LEU A 295 21.85 43.28 -27.64
CA LEU A 295 20.37 43.40 -27.73
C LEU A 295 19.84 44.77 -27.28
N ALA A 296 20.62 45.57 -26.55
CA ALA A 296 20.15 46.85 -25.96
C ALA A 296 20.00 47.90 -27.07
N LEU A 297 18.75 48.26 -27.41
CA LEU A 297 18.41 49.24 -28.46
C LEU A 297 18.05 50.58 -27.81
N GLY A 298 18.92 51.58 -27.98
CA GLY A 298 18.76 52.92 -27.36
C GLY A 298 19.14 52.91 -25.90
N MET A 299 18.92 54.03 -25.20
CA MET A 299 19.22 54.18 -23.75
C MET A 299 18.25 53.31 -22.96
N PRO A 300 18.74 52.42 -22.06
CA PRO A 300 17.87 51.60 -21.23
C PRO A 300 17.09 52.44 -20.21
N SER A 301 15.96 51.89 -19.72
CA SER A 301 15.10 52.52 -18.69
C SER A 301 15.67 52.22 -17.30
N PHE A 302 16.68 53.00 -16.89
CA PHE A 302 17.41 52.81 -15.61
C PHE A 302 16.42 52.91 -14.44
N GLU A 303 15.45 53.84 -14.54
CA GLU A 303 14.45 54.11 -13.47
C GLU A 303 13.62 52.85 -13.19
N LEU A 304 13.31 52.04 -14.21
CA LEU A 304 12.50 50.80 -14.06
C LEU A 304 13.39 49.66 -13.55
N GLN A 305 14.63 49.57 -14.04
CA GLN A 305 15.60 48.51 -13.64
C GLN A 305 15.84 48.58 -12.12
N LEU A 306 16.02 49.79 -11.58
CA LEU A 306 16.39 50.02 -10.16
C LEU A 306 15.20 49.76 -9.23
N MET A 307 14.02 49.45 -9.78
CA MET A 307 12.84 48.94 -9.01
C MET A 307 13.02 47.45 -8.67
N CYS A 308 13.98 46.76 -9.28
CA CYS A 308 14.03 45.27 -9.33
C CYS A 308 14.80 44.67 -8.14
N SER A 309 15.94 45.28 -7.74
CA SER A 309 16.79 44.76 -6.63
C SER A 309 16.03 44.81 -5.31
N PRO A 310 15.20 45.84 -5.03
CA PRO A 310 14.30 45.82 -3.88
C PRO A 310 13.35 44.61 -3.84
N ILE A 311 12.85 44.17 -5.00
CA ILE A 311 11.91 43.00 -5.11
C ILE A 311 12.69 41.72 -4.80
N VAL A 312 13.91 41.59 -5.33
CA VAL A 312 14.82 40.43 -5.10
C VAL A 312 15.01 40.25 -3.59
N SER A 313 15.39 41.32 -2.87
CA SER A 313 15.66 41.30 -1.41
C SER A 313 14.36 41.08 -0.61
N TYR A 314 13.22 41.55 -1.12
CA TYR A 314 11.90 41.35 -0.48
C TYR A 314 11.51 39.87 -0.53
N LEU A 315 11.60 39.25 -1.71
CA LEU A 315 11.17 37.85 -1.95
C LEU A 315 12.13 36.88 -1.25
N GLN A 316 13.44 37.09 -1.39
CA GLN A 316 14.49 36.15 -0.92
C GLN A 316 14.72 36.26 0.59
N ASP A 317 14.66 37.46 1.16
CA ASP A 317 15.15 37.74 2.54
C ASP A 317 14.01 38.22 3.46
N THR A 318 13.18 39.17 3.02
CA THR A 318 12.11 39.77 3.86
C THR A 318 11.03 38.72 4.13
N VAL A 319 10.44 38.13 3.10
CA VAL A 319 9.36 37.09 3.23
C VAL A 319 10.00 35.70 3.08
N GLY A 320 10.81 35.48 2.05
CA GLY A 320 11.48 34.19 1.79
C GLY A 320 10.61 33.25 0.98
N TRP A 321 11.23 32.37 0.18
CA TRP A 321 10.53 31.46 -0.77
C TRP A 321 9.74 30.37 -0.02
N ASP A 322 10.24 29.91 1.13
CA ASP A 322 9.57 28.87 1.95
C ASP A 322 8.14 29.32 2.29
N ARG A 323 8.01 30.55 2.78
CA ARG A 323 6.73 31.15 3.24
C ARG A 323 5.83 31.45 2.03
N ILE A 324 6.43 31.96 0.94
CA ILE A 324 5.73 32.32 -0.33
C ILE A 324 5.08 31.06 -0.91
N VAL A 325 5.86 30.00 -1.09
CA VAL A 325 5.41 28.71 -1.70
C VAL A 325 4.33 28.08 -0.80
N ARG A 326 4.57 28.01 0.51
CA ARG A 326 3.64 27.41 1.49
C ARG A 326 2.33 28.20 1.52
N GLN A 327 2.39 29.53 1.51
CA GLN A 327 1.20 30.42 1.52
C GLN A 327 0.38 30.18 0.25
N GLU A 328 1.03 30.21 -0.92
CA GLU A 328 0.37 30.04 -2.23
C GLU A 328 -0.24 28.63 -2.35
N THR A 329 0.43 27.61 -1.83
CA THR A 329 -0.03 26.19 -1.83
C THR A 329 -1.35 26.07 -1.05
N VAL A 330 -1.42 26.65 0.15
CA VAL A 330 -2.63 26.61 1.03
C VAL A 330 -3.80 27.27 0.28
N LEU A 331 -3.55 28.40 -0.38
CA LEU A 331 -4.58 29.15 -1.15
C LEU A 331 -5.14 28.26 -2.27
N VAL A 332 -4.27 27.55 -3.00
CA VAL A 332 -4.65 26.67 -4.13
C VAL A 332 -5.46 25.47 -3.59
N THR A 333 -5.08 24.96 -2.42
CA THR A 333 -5.75 23.81 -1.74
C THR A 333 -7.23 24.16 -1.50
N ILE A 334 -7.50 25.37 -1.00
CA ILE A 334 -8.87 25.82 -0.61
C ILE A 334 -9.73 26.00 -1.88
N LEU A 335 -9.16 26.55 -2.96
CA LEU A 335 -9.91 26.82 -4.22
C LEU A 335 -10.19 25.49 -4.93
N LEU A 336 -9.18 24.63 -5.08
CA LEU A 336 -9.34 23.30 -5.74
C LEU A 336 -10.32 22.45 -4.94
N GLU A 337 -10.20 22.44 -3.60
CA GLU A 337 -11.10 21.71 -2.67
C GLU A 337 -12.56 21.99 -3.05
N TYR A 338 -12.92 23.28 -3.22
CA TYR A 338 -14.31 23.72 -3.53
C TYR A 338 -14.69 23.32 -4.95
N LEU A 339 -13.82 23.58 -5.93
CA LEU A 339 -14.11 23.35 -7.38
C LEU A 339 -14.29 21.86 -7.65
N LEU A 340 -13.41 21.01 -7.08
CA LEU A 340 -13.42 19.54 -7.30
C LEU A 340 -14.55 18.89 -6.48
N SER A 341 -15.08 19.59 -5.46
CA SER A 341 -16.24 19.16 -4.63
C SER A 341 -17.51 19.09 -5.49
N LYS A 342 -17.58 19.88 -6.57
CA LYS A 342 -18.73 19.93 -7.51
C LYS A 342 -18.24 19.64 -8.93
N PRO A 343 -17.96 18.36 -9.25
CA PRO A 343 -17.50 17.98 -10.59
C PRO A 343 -18.53 18.16 -11.71
N SER A 344 -19.83 18.20 -11.37
CA SER A 344 -20.96 18.39 -12.31
C SER A 344 -21.09 19.86 -12.72
N VAL A 345 -20.45 20.78 -11.98
CA VAL A 345 -20.56 22.25 -12.17
C VAL A 345 -19.24 22.79 -12.76
N TYR A 346 -18.11 22.43 -12.16
CA TYR A 346 -16.76 22.97 -12.51
C TYR A 346 -15.91 21.92 -13.20
N ARG A 347 -15.45 22.24 -14.41
CA ARG A 347 -14.42 21.50 -15.18
C ARG A 347 -13.08 22.22 -14.96
N VAL A 348 -12.22 21.68 -14.09
CA VAL A 348 -10.90 22.25 -13.73
C VAL A 348 -9.86 21.77 -14.76
N PHE A 349 -9.14 22.71 -15.39
CA PHE A 349 -8.01 22.43 -16.31
C PHE A 349 -6.71 22.38 -15.50
N GLY A 350 -5.73 21.61 -15.96
CA GLY A 350 -4.41 21.48 -15.34
C GLY A 350 -4.38 20.39 -14.27
N ARG A 351 -3.47 20.53 -13.30
CA ARG A 351 -3.23 19.52 -12.24
C ARG A 351 -4.28 19.71 -11.14
N ARG A 352 -5.04 18.65 -10.83
CA ARG A 352 -6.15 18.68 -9.85
C ARG A 352 -5.61 18.30 -8.46
N ASN A 353 -4.43 18.81 -8.11
CA ASN A 353 -3.86 18.82 -6.73
C ASN A 353 -3.10 20.14 -6.57
N SER A 354 -2.76 20.50 -5.33
CA SER A 354 -2.13 21.80 -4.95
C SER A 354 -0.62 21.62 -4.73
N ASP A 355 -0.05 20.47 -5.08
CA ASP A 355 1.34 20.10 -4.74
C ASP A 355 2.30 21.11 -5.38
N PRO A 356 3.21 21.72 -4.57
CA PRO A 356 4.05 22.82 -5.06
C PRO A 356 5.02 22.46 -6.19
N SER A 357 5.59 21.24 -6.17
CA SER A 357 6.55 20.76 -7.20
C SER A 357 5.84 20.51 -8.54
N GLN A 358 4.50 20.45 -8.54
CA GLN A 358 3.67 19.99 -9.68
C GLN A 358 3.01 21.18 -10.38
N ARG A 359 2.59 22.21 -9.63
CA ARG A 359 1.77 23.33 -10.16
C ARG A 359 1.88 24.55 -9.24
N VAL A 360 1.74 25.74 -9.82
CA VAL A 360 1.78 27.06 -9.12
C VAL A 360 0.34 27.57 -8.98
N ALA A 361 0.15 28.71 -8.30
CA ALA A 361 -1.17 29.27 -7.94
C ALA A 361 -1.80 30.00 -9.13
N ILE A 362 -1.84 29.36 -10.30
CA ILE A 362 -2.64 29.79 -11.48
C ILE A 362 -3.64 28.66 -11.76
N VAL A 363 -4.93 28.93 -11.55
CA VAL A 363 -6.02 27.91 -11.64
C VAL A 363 -7.00 28.34 -12.72
N THR A 364 -7.11 27.56 -13.79
CA THR A 364 -8.10 27.77 -14.88
C THR A 364 -9.20 26.71 -14.77
N PHE A 365 -10.44 27.11 -15.03
CA PHE A 365 -11.64 26.24 -15.06
C PHE A 365 -12.70 26.87 -15.96
N GLU A 366 -13.77 26.13 -16.25
CA GLU A 366 -15.02 26.69 -16.82
C GLU A 366 -16.20 26.11 -16.04
N VAL A 367 -17.30 26.87 -15.98
CA VAL A 367 -18.58 26.44 -15.35
C VAL A 367 -19.41 25.76 -16.44
N VAL A 368 -19.77 24.49 -16.24
CA VAL A 368 -20.49 23.65 -17.24
C VAL A 368 -21.79 24.37 -17.64
N GLY A 369 -22.01 24.55 -18.94
CA GLY A 369 -23.24 25.11 -19.52
C GLY A 369 -23.40 26.60 -19.27
N ARG A 370 -22.33 27.28 -18.82
CA ARG A 370 -22.33 28.75 -18.53
C ARG A 370 -21.16 29.41 -19.28
N SER A 371 -21.36 30.68 -19.68
CA SER A 371 -20.31 31.53 -20.30
C SER A 371 -19.28 31.91 -19.24
N SER A 372 -17.99 31.70 -19.54
CA SER A 372 -16.84 32.09 -18.67
C SER A 372 -16.80 33.61 -18.51
N GLY A 373 -17.14 34.35 -19.58
CA GLY A 373 -17.27 35.82 -19.59
C GLY A 373 -18.36 36.28 -18.64
N ASP A 374 -19.53 35.65 -18.70
CA ASP A 374 -20.71 35.96 -17.85
C ASP A 374 -20.32 35.81 -16.37
N VAL A 375 -19.58 34.74 -16.03
CA VAL A 375 -19.16 34.43 -14.62
C VAL A 375 -18.19 35.51 -14.15
N ALA A 376 -17.19 35.85 -14.97
CA ALA A 376 -16.13 36.85 -14.66
C ALA A 376 -16.75 38.24 -14.46
N MET A 377 -17.67 38.64 -15.36
CA MET A 377 -18.38 39.95 -15.31
C MET A 377 -19.13 40.07 -13.98
N ARG A 378 -19.89 39.04 -13.60
CA ARG A 378 -20.74 39.02 -12.38
C ARG A 378 -19.85 39.18 -11.14
N VAL A 379 -18.71 38.50 -11.09
CA VAL A 379 -17.73 38.59 -9.96
C VAL A 379 -17.13 40.00 -9.94
N ASN A 380 -16.69 40.51 -11.10
CA ASN A 380 -15.93 41.80 -11.22
C ASN A 380 -16.88 42.99 -11.03
N THR A 381 -18.12 42.90 -11.54
CA THR A 381 -19.18 43.93 -11.36
C THR A 381 -19.41 44.15 -9.86
N ARG A 382 -19.51 43.07 -9.08
CA ARG A 382 -19.66 43.12 -7.59
C ARG A 382 -18.42 43.75 -6.98
N ASN A 383 -17.24 43.44 -7.53
CA ASN A 383 -15.96 44.15 -7.29
C ASN A 383 -15.43 43.85 -5.88
N ARG A 384 -15.82 42.73 -5.28
CA ARG A 384 -15.21 42.19 -4.04
C ARG A 384 -13.94 41.43 -4.43
N PHE A 385 -13.93 40.80 -5.61
CA PHE A 385 -12.80 40.05 -6.19
C PHE A 385 -12.59 40.46 -7.65
N ARG A 386 -11.33 40.55 -8.06
CA ARG A 386 -10.91 40.80 -9.47
C ARG A 386 -10.39 39.47 -10.04
N ILE A 387 -11.13 38.90 -11.00
CA ILE A 387 -10.72 37.70 -11.79
C ILE A 387 -10.75 38.07 -13.28
N THR A 388 -10.50 37.11 -14.16
CA THR A 388 -10.51 37.33 -15.63
C THR A 388 -11.07 36.09 -16.34
N SER A 389 -11.51 36.27 -17.58
CA SER A 389 -11.97 35.19 -18.51
C SER A 389 -11.36 35.42 -19.89
N GLY A 390 -11.53 34.44 -20.79
CA GLY A 390 -11.18 34.57 -22.22
C GLY A 390 -10.02 33.68 -22.62
N THR A 391 -9.26 34.11 -23.63
CA THR A 391 -8.14 33.37 -24.27
C THR A 391 -6.82 33.76 -23.61
N LEU A 392 -6.76 34.95 -22.99
CA LEU A 392 -5.61 35.44 -22.18
C LEU A 392 -4.32 35.41 -23.00
N MET A 393 -4.37 35.89 -24.24
CA MET A 393 -3.21 36.11 -25.15
C MET A 393 -2.51 34.77 -25.42
N ALA A 394 -3.27 33.67 -25.35
CA ALA A 394 -2.76 32.28 -25.47
C ALA A 394 -3.79 31.42 -26.20
N PRO A 395 -4.14 31.74 -27.46
CA PRO A 395 -5.13 30.98 -28.22
C PRO A 395 -4.79 29.49 -28.42
N ARG A 396 -3.50 29.16 -28.52
CA ARG A 396 -3.04 27.79 -28.89
C ARG A 396 -3.28 26.85 -27.71
N PRO A 397 -2.81 27.16 -26.48
CA PRO A 397 -3.12 26.32 -25.32
C PRO A 397 -4.62 26.28 -25.00
N THR A 398 -5.30 27.42 -25.09
CA THR A 398 -6.74 27.56 -24.74
C THR A 398 -7.59 26.76 -25.73
N TRP A 399 -7.48 27.03 -27.04
CA TRP A 399 -8.45 26.54 -28.06
C TRP A 399 -7.98 25.25 -28.73
N ASP A 400 -6.67 24.94 -28.74
CA ASP A 400 -6.12 23.75 -29.45
C ASP A 400 -5.80 22.61 -28.47
N VAL A 401 -5.66 22.90 -27.17
CA VAL A 401 -5.30 21.89 -26.12
C VAL A 401 -6.45 21.73 -25.13
N LEU A 402 -6.74 22.77 -24.34
CA LEU A 402 -7.74 22.71 -23.23
C LEU A 402 -9.15 22.60 -23.83
N LYS A 403 -9.46 23.39 -24.85
CA LYS A 403 -10.73 23.33 -25.64
C LYS A 403 -11.93 23.46 -24.71
N PRO A 404 -12.16 24.65 -24.10
CA PRO A 404 -13.36 24.87 -23.29
C PRO A 404 -14.63 24.84 -24.16
N LYS A 405 -15.73 24.35 -23.58
CA LYS A 405 -17.07 24.26 -24.24
C LYS A 405 -17.62 25.68 -24.45
N SER A 406 -17.32 26.59 -23.52
CA SER A 406 -17.73 28.03 -23.56
C SER A 406 -17.06 28.73 -24.74
N SER A 407 -17.85 29.48 -25.54
CA SER A 407 -17.39 30.32 -26.66
C SER A 407 -16.49 31.45 -26.15
N ASP A 408 -16.68 31.87 -24.90
CA ASP A 408 -15.95 32.99 -24.25
C ASP A 408 -14.65 32.48 -23.58
N GLY A 409 -14.35 31.18 -23.71
CA GLY A 409 -13.08 30.59 -23.25
C GLY A 409 -13.10 30.21 -21.78
N LEU A 410 -12.05 30.56 -21.05
CA LEU A 410 -11.72 30.04 -19.69
C LEU A 410 -12.04 31.09 -18.63
N VAL A 411 -12.25 30.66 -17.39
CA VAL A 411 -12.16 31.51 -16.17
C VAL A 411 -10.80 31.19 -15.51
N ARG A 412 -10.07 32.23 -15.08
CA ARG A 412 -8.75 32.07 -14.40
C ARG A 412 -8.73 32.89 -13.11
N VAL A 413 -8.38 32.23 -12.01
CA VAL A 413 -8.02 32.84 -10.71
C VAL A 413 -6.52 32.58 -10.48
N SER A 414 -5.76 33.63 -10.19
CA SER A 414 -4.29 33.56 -9.99
C SER A 414 -3.92 34.29 -8.70
N PHE A 415 -3.32 33.56 -7.75
CA PHE A 415 -2.92 34.06 -6.42
C PHE A 415 -1.41 34.36 -6.41
N VAL A 416 -1.00 35.28 -5.54
CA VAL A 416 0.41 35.43 -5.06
C VAL A 416 0.37 35.47 -3.53
N HIS A 417 1.53 35.48 -2.89
CA HIS A 417 1.71 35.24 -1.43
C HIS A 417 0.98 36.30 -0.58
N TYR A 418 0.63 37.47 -1.13
CA TYR A 418 -0.05 38.54 -0.36
C TYR A 418 -1.57 38.30 -0.32
N ASN A 419 -2.07 37.27 -1.03
CA ASN A 419 -3.49 36.83 -0.95
C ASN A 419 -3.67 35.97 0.30
N THR A 420 -4.89 35.99 0.87
CA THR A 420 -5.22 35.41 2.21
C THR A 420 -6.20 34.25 2.04
N VAL A 421 -6.20 33.31 2.98
CA VAL A 421 -7.13 32.15 3.04
C VAL A 421 -8.57 32.68 3.17
N GLU A 422 -8.76 33.74 3.97
CA GLU A 422 -10.08 34.38 4.24
C GLU A 422 -10.68 34.86 2.91
N GLU A 423 -9.85 35.47 2.04
CA GLU A 423 -10.25 35.95 0.69
C GLU A 423 -10.73 34.77 -0.16
N VAL A 424 -9.95 33.68 -0.21
CA VAL A 424 -10.27 32.50 -1.06
C VAL A 424 -11.58 31.88 -0.58
N ARG A 425 -11.73 31.67 0.73
CA ARG A 425 -12.95 31.11 1.36
C ARG A 425 -14.17 31.95 0.95
N ALA A 426 -14.05 33.29 1.04
CA ALA A 426 -15.11 34.25 0.68
C ALA A 426 -15.40 34.19 -0.83
N PHE A 427 -14.37 34.04 -1.66
CA PHE A 427 -14.50 33.94 -3.14
C PHE A 427 -15.30 32.69 -3.51
N CYS A 428 -14.98 31.57 -2.86
CA CYS A 428 -15.67 30.25 -3.08
C CYS A 428 -17.17 30.42 -2.81
N SER A 429 -17.54 31.10 -1.72
CA SER A 429 -18.95 31.40 -1.34
C SER A 429 -19.62 32.24 -2.43
N GLU A 430 -18.96 33.30 -2.91
CA GLU A 430 -19.50 34.24 -3.93
C GLU A 430 -19.70 33.49 -5.25
N LEU A 431 -18.68 32.75 -5.70
CA LEU A 431 -18.72 31.95 -6.96
C LEU A 431 -19.91 30.99 -6.89
N ASP A 432 -20.04 30.26 -5.77
CA ASP A 432 -21.16 29.31 -5.51
C ASP A 432 -22.50 30.03 -5.71
N GLU A 433 -22.69 31.17 -5.05
CA GLU A 433 -23.93 31.99 -5.14
C GLU A 433 -24.27 32.28 -6.61
N ILE A 434 -23.26 32.68 -7.40
CA ILE A 434 -23.42 33.10 -8.83
C ILE A 434 -23.88 31.90 -9.66
N VAL A 435 -23.31 30.70 -9.43
CA VAL A 435 -23.55 29.48 -10.26
C VAL A 435 -24.83 28.76 -9.79
N THR A 436 -25.14 28.79 -8.49
CA THR A 436 -26.31 28.11 -7.89
C THR A 436 -27.62 28.85 -8.22
N ARG A 437 -27.55 30.12 -8.61
CA ARG A 437 -28.72 30.98 -8.94
C ARG A 437 -29.48 30.38 -10.14
N THR B 31 7.51 30.74 9.25
CA THR B 31 6.85 30.08 10.41
C THR B 31 7.46 28.69 10.63
N PRO B 32 7.86 28.33 11.87
CA PRO B 32 8.30 26.95 12.17
C PRO B 32 7.16 25.95 12.01
N LEU B 33 7.40 24.84 11.29
CA LEU B 33 6.37 23.80 11.00
C LEU B 33 5.96 23.11 12.31
N GLU B 34 4.65 22.99 12.54
CA GLU B 34 4.04 22.41 13.77
C GLU B 34 3.21 21.18 13.39
N ASN B 35 2.88 20.35 14.38
CA ASN B 35 1.96 19.19 14.24
C ASN B 35 0.60 19.70 13.76
N VAL B 36 -0.04 18.96 12.86
CA VAL B 36 -1.43 19.24 12.37
C VAL B 36 -2.42 18.49 13.28
N ILE B 37 -2.09 17.25 13.67
CA ILE B 37 -2.92 16.41 14.59
C ILE B 37 -2.82 16.96 16.01
N ASP B 38 -3.79 16.62 16.86
CA ASP B 38 -3.69 16.71 18.33
C ASP B 38 -2.90 15.50 18.82
N VAL B 39 -1.63 15.70 19.21
CA VAL B 39 -0.65 14.62 19.56
C VAL B 39 -1.26 13.72 20.65
N GLU B 40 -1.83 14.32 21.69
CA GLU B 40 -2.35 13.62 22.89
C GLU B 40 -3.55 12.74 22.51
N SER B 41 -4.48 13.26 21.70
CA SER B 41 -5.74 12.58 21.28
C SER B 41 -5.41 11.33 20.46
N VAL B 42 -4.56 11.47 19.44
CA VAL B 42 -4.12 10.38 18.52
C VAL B 42 -3.38 9.31 19.35
N ARG B 43 -2.37 9.72 20.13
CA ARG B 43 -1.46 8.81 20.87
C ARG B 43 -2.18 8.15 22.06
N SER B 44 -3.37 8.62 22.44
CA SER B 44 -4.25 7.96 23.44
C SER B 44 -4.76 6.62 22.89
N HIS B 45 -4.73 6.45 21.56
CA HIS B 45 -5.15 5.20 20.85
C HIS B 45 -3.97 4.22 20.73
N PHE B 46 -2.75 4.65 21.09
CA PHE B 46 -1.49 3.88 20.94
C PHE B 46 -0.66 4.00 22.21
N PRO B 47 -1.07 3.32 23.32
CA PRO B 47 -0.54 3.62 24.65
C PRO B 47 0.98 3.51 24.85
N VAL B 48 1.65 2.64 24.09
CA VAL B 48 3.11 2.33 24.25
C VAL B 48 3.96 3.49 23.71
N LEU B 49 3.40 4.37 22.88
CA LEU B 49 4.11 5.53 22.25
C LEU B 49 4.48 6.60 23.30
N GLY B 50 4.06 6.45 24.55
CA GLY B 50 4.45 7.36 25.65
C GLY B 50 5.91 7.21 26.06
N GLY B 51 6.55 6.09 25.69
CA GLY B 51 7.85 5.63 26.25
C GLY B 51 9.06 6.37 25.69
N GLU B 52 10.24 5.75 25.82
CA GLU B 52 11.58 6.34 25.56
C GLU B 52 11.92 6.26 24.06
N THR B 53 11.37 5.26 23.36
CA THR B 53 11.67 4.96 21.94
C THR B 53 10.56 5.52 21.04
N ALA B 54 10.92 6.34 20.06
CA ALA B 54 10.03 6.80 18.96
C ALA B 54 10.00 5.73 17.86
N ALA B 55 8.80 5.40 17.37
CA ALA B 55 8.57 4.36 16.33
C ALA B 55 8.76 4.98 14.94
N PHE B 56 9.91 4.75 14.32
CA PHE B 56 10.34 5.31 13.01
C PHE B 56 10.61 4.19 12.00
N ASN B 57 10.05 2.99 12.23
CA ASN B 57 10.16 1.82 11.31
C ASN B 57 8.76 1.25 11.09
N ASN B 58 7.79 2.13 10.80
CA ASN B 58 6.34 1.81 10.68
C ASN B 58 6.08 0.98 9.41
N ALA B 59 6.97 1.03 8.43
CA ALA B 59 6.87 0.24 7.17
C ALA B 59 7.19 -1.25 7.40
N SER B 60 7.72 -1.60 8.58
CA SER B 60 7.95 -3.01 9.00
C SER B 60 6.87 -3.47 9.99
N GLY B 61 6.04 -2.56 10.49
CA GLY B 61 4.97 -2.86 11.45
C GLY B 61 4.65 -1.67 12.34
N THR B 62 3.36 -1.35 12.49
CA THR B 62 2.85 -0.22 13.31
C THR B 62 2.42 -0.72 14.69
N VAL B 63 2.34 0.19 15.66
CA VAL B 63 1.69 -0.08 16.98
C VAL B 63 0.21 -0.35 16.70
N VAL B 64 -0.37 -1.36 17.36
CA VAL B 64 -1.78 -1.79 17.12
C VAL B 64 -2.71 -0.78 17.78
N LEU B 65 -3.82 -0.45 17.11
CA LEU B 65 -4.88 0.45 17.62
C LEU B 65 -5.54 -0.20 18.85
N LYS B 66 -5.66 0.56 19.96
CA LYS B 66 -6.28 0.11 21.22
C LYS B 66 -7.68 -0.44 20.94
N GLU B 67 -8.46 0.28 20.12
CA GLU B 67 -9.89 -0.03 19.80
C GLU B 67 -9.96 -1.41 19.12
N ALA B 68 -8.96 -1.73 18.31
CA ALA B 68 -8.85 -3.02 17.58
C ALA B 68 -8.62 -4.17 18.57
N ILE B 69 -7.71 -4.00 19.54
CA ILE B 69 -7.37 -5.02 20.57
C ILE B 69 -8.63 -5.28 21.44
N GLU B 70 -9.34 -4.23 21.83
CA GLU B 70 -10.60 -4.30 22.63
C GLU B 70 -11.64 -5.13 21.87
N SER B 71 -11.72 -4.95 20.54
CA SER B 71 -12.71 -5.63 19.65
C SER B 71 -12.46 -7.14 19.62
N THR B 72 -11.19 -7.56 19.52
CA THR B 72 -10.77 -8.99 19.38
C THR B 72 -10.88 -9.71 20.73
N SER B 73 -10.55 -9.02 21.83
CA SER B 73 -10.72 -9.53 23.23
C SER B 73 -12.20 -9.86 23.49
N ASN B 74 -13.10 -8.93 23.15
CA ASN B 74 -14.57 -9.07 23.31
C ASN B 74 -15.07 -10.28 22.52
N PHE B 75 -14.58 -10.47 21.28
CA PHE B 75 -14.96 -11.63 20.42
C PHE B 75 -14.48 -12.94 21.04
N MET B 76 -13.23 -12.98 21.52
CA MET B 76 -12.56 -14.21 22.01
C MET B 76 -13.07 -14.59 23.41
N TYR B 77 -13.63 -13.62 24.17
CA TYR B 77 -14.30 -13.85 25.47
C TYR B 77 -15.77 -14.23 25.26
N SER B 78 -16.29 -14.04 24.04
CA SER B 78 -17.70 -14.34 23.63
C SER B 78 -17.83 -15.82 23.23
N PHE B 79 -19.06 -16.27 23.01
CA PHE B 79 -19.39 -17.67 22.62
C PHE B 79 -18.76 -17.96 21.27
N PRO B 80 -18.05 -19.10 21.12
CA PRO B 80 -17.27 -19.38 19.90
C PRO B 80 -18.14 -19.60 18.66
N PHE B 81 -17.58 -19.30 17.48
CA PHE B 81 -18.08 -19.74 16.15
C PHE B 81 -17.81 -21.23 16.01
N PRO B 82 -18.65 -22.01 15.29
CA PRO B 82 -19.70 -21.47 14.42
C PRO B 82 -20.95 -21.04 15.18
N PRO B 83 -21.59 -19.91 14.78
CA PRO B 83 -22.74 -19.36 15.50
C PRO B 83 -24.03 -20.18 15.32
N GLY B 84 -24.95 -20.05 16.27
CA GLY B 84 -26.28 -20.71 16.24
C GLY B 84 -27.32 -19.88 15.50
N VAL B 85 -28.59 -20.06 15.83
CA VAL B 85 -29.76 -19.33 15.23
C VAL B 85 -30.38 -18.39 16.28
N ASP B 86 -29.87 -18.42 17.52
CA ASP B 86 -30.34 -17.58 18.66
C ASP B 86 -29.98 -16.11 18.39
N ALA B 87 -30.63 -15.19 19.11
CA ALA B 87 -30.58 -13.72 18.89
C ALA B 87 -29.15 -13.19 19.06
N LYS B 88 -28.44 -13.64 20.09
CA LYS B 88 -27.03 -13.23 20.38
C LYS B 88 -26.10 -13.74 19.26
N SER B 89 -26.33 -14.96 18.78
CA SER B 89 -25.58 -15.59 17.66
C SER B 89 -25.81 -14.80 16.36
N MET B 90 -27.07 -14.45 16.07
CA MET B 90 -27.47 -13.66 14.87
CA MET B 90 -27.45 -13.67 14.86
C MET B 90 -26.77 -12.29 14.91
N GLU B 91 -26.62 -11.73 16.11
CA GLU B 91 -25.99 -10.40 16.35
C GLU B 91 -24.48 -10.48 16.06
N ALA B 92 -23.85 -11.62 16.34
CA ALA B 92 -22.40 -11.87 16.11
C ALA B 92 -22.13 -12.08 14.62
N ILE B 93 -23.09 -12.65 13.88
CA ILE B 93 -23.01 -12.81 12.39
C ILE B 93 -23.14 -11.42 11.75
N THR B 94 -24.11 -10.62 12.19
CA THR B 94 -24.35 -9.22 11.75
C THR B 94 -23.09 -8.39 12.00
N ALA B 95 -22.43 -8.59 13.14
CA ALA B 95 -21.18 -7.90 13.55
C ALA B 95 -20.03 -8.32 12.63
N TYR B 96 -19.96 -9.62 12.29
CA TYR B 96 -18.94 -10.22 11.40
C TYR B 96 -19.14 -9.71 9.96
N THR B 97 -20.38 -9.79 9.46
CA THR B 97 -20.79 -9.34 8.10
C THR B 97 -20.59 -7.82 7.98
N GLY B 98 -20.95 -7.07 9.02
CA GLY B 98 -20.79 -5.61 9.10
C GLY B 98 -19.33 -5.19 9.03
N ASN B 99 -18.45 -5.89 9.75
CA ASN B 99 -16.98 -5.64 9.78
C ASN B 99 -16.42 -5.80 8.36
N LYS B 100 -16.78 -6.89 7.67
CA LYS B 100 -16.38 -7.19 6.27
C LYS B 100 -16.86 -6.07 5.36
N GLY B 101 -18.12 -5.64 5.51
CA GLY B 101 -18.77 -4.59 4.71
C GLY B 101 -18.08 -3.24 4.87
N LYS B 102 -17.59 -2.94 6.08
CA LYS B 102 -16.84 -1.70 6.40
C LYS B 102 -15.45 -1.77 5.75
N VAL B 103 -14.77 -2.93 5.83
CA VAL B 103 -13.41 -3.13 5.26
C VAL B 103 -13.48 -3.04 3.73
N ALA B 104 -14.53 -3.62 3.12
CA ALA B 104 -14.78 -3.55 1.66
C ALA B 104 -14.99 -2.10 1.23
N ALA B 105 -15.80 -1.35 1.98
CA ALA B 105 -16.12 0.08 1.73
C ALA B 105 -14.87 0.95 1.91
N PHE B 106 -13.95 0.55 2.79
CA PHE B 106 -12.67 1.25 3.09
C PHE B 106 -11.84 1.43 1.81
N ILE B 107 -11.92 0.48 0.88
CA ILE B 107 -11.19 0.47 -0.42
C ILE B 107 -12.19 0.61 -1.57
N ASN B 108 -13.45 0.94 -1.27
CA ASN B 108 -14.57 1.11 -2.24
C ASN B 108 -14.75 -0.17 -3.06
N ALA B 109 -14.61 -1.34 -2.43
CA ALA B 109 -14.91 -2.67 -3.02
C ALA B 109 -16.23 -3.18 -2.45
N LEU B 110 -16.84 -4.18 -3.10
CA LEU B 110 -18.02 -4.91 -2.59
C LEU B 110 -17.55 -6.05 -1.69
N PRO B 111 -18.39 -6.54 -0.76
CA PRO B 111 -17.99 -7.60 0.18
C PRO B 111 -17.56 -8.92 -0.48
N ASP B 112 -18.16 -9.26 -1.63
CA ASP B 112 -17.88 -10.51 -2.39
C ASP B 112 -16.61 -10.32 -3.25
N GLU B 113 -15.95 -9.16 -3.15
CA GLU B 113 -14.72 -8.81 -3.94
C GLU B 113 -13.48 -8.73 -3.04
N ILE B 114 -13.62 -8.95 -1.72
CA ILE B 114 -12.48 -8.96 -0.76
C ILE B 114 -12.43 -10.30 -0.03
N THR B 115 -11.24 -10.73 0.38
CA THR B 115 -11.01 -11.91 1.25
C THR B 115 -9.83 -11.63 2.19
N PHE B 116 -9.92 -12.12 3.43
CA PHE B 116 -8.86 -12.05 4.47
C PHE B 116 -7.96 -13.28 4.34
N GLY B 117 -6.65 -13.11 4.55
CA GLY B 117 -5.65 -14.20 4.42
C GLY B 117 -4.53 -14.07 5.44
N GLN B 118 -3.67 -15.09 5.51
CA GLN B 118 -2.49 -15.19 6.41
C GLN B 118 -1.64 -13.91 6.29
N SER B 119 -1.37 -13.49 5.06
CA SER B 119 -0.44 -12.40 4.67
C SER B 119 -0.61 -12.09 3.18
N THR B 120 0.04 -11.03 2.71
CA THR B 120 0.06 -10.61 1.28
C THR B 120 0.87 -11.64 0.48
N THR B 121 2.03 -12.06 0.99
CA THR B 121 2.90 -13.10 0.38
C THR B 121 2.07 -14.36 0.11
N ALA B 122 1.27 -14.79 1.11
CA ALA B 122 0.42 -16.00 1.05
C ALA B 122 -0.68 -15.81 0.02
N LEU B 123 -1.41 -14.69 0.09
CA LEU B 123 -2.59 -14.39 -0.77
C LEU B 123 -2.15 -14.27 -2.24
N PHE B 124 -0.96 -13.71 -2.50
CA PHE B 124 -0.37 -13.64 -3.86
C PHE B 124 -0.06 -15.06 -4.35
N ARG B 125 0.51 -15.90 -3.48
CA ARG B 125 0.81 -17.32 -3.82
C ARG B 125 -0.49 -18.04 -4.17
N LEU B 126 -1.52 -17.90 -3.33
CA LEU B 126 -2.85 -18.56 -3.51
C LEU B 126 -3.54 -18.00 -4.76
N LEU B 127 -3.41 -16.70 -5.04
CA LEU B 127 -3.96 -16.09 -6.30
C LEU B 127 -3.30 -16.78 -7.50
N GLY B 128 -1.97 -16.97 -7.46
CA GLY B 128 -1.21 -17.71 -8.48
C GLY B 128 -1.83 -19.08 -8.75
N LEU B 129 -2.17 -19.83 -7.70
CA LEU B 129 -2.80 -21.18 -7.82
C LEU B 129 -4.18 -21.05 -8.47
N SER B 130 -4.92 -19.98 -8.18
CA SER B 130 -6.29 -19.72 -8.70
C SER B 130 -6.24 -19.34 -10.18
N LEU B 131 -5.20 -18.61 -10.62
CA LEU B 131 -5.06 -18.12 -12.02
C LEU B 131 -4.47 -19.21 -12.92
N LYS B 132 -3.64 -20.09 -12.35
CA LYS B 132 -2.78 -21.04 -13.12
C LYS B 132 -3.61 -21.87 -14.11
N PRO B 133 -4.73 -22.52 -13.71
CA PRO B 133 -5.44 -23.45 -14.61
C PRO B 133 -5.80 -22.86 -15.98
N MET B 134 -6.06 -21.55 -16.06
CA MET B 134 -6.50 -20.84 -17.29
C MET B 134 -5.31 -20.14 -17.96
N LEU B 135 -4.08 -20.38 -17.49
CA LEU B 135 -2.83 -19.86 -18.09
C LEU B 135 -2.02 -21.03 -18.65
N ASN B 136 -0.99 -20.73 -19.46
CA ASN B 136 -0.09 -21.74 -20.09
C ASN B 136 1.21 -21.07 -20.50
N ASN B 137 2.13 -21.82 -21.13
CA ASN B 137 3.51 -21.40 -21.49
C ASN B 137 3.49 -20.36 -22.62
N ASP B 138 2.36 -20.19 -23.31
CA ASP B 138 2.19 -19.25 -24.45
C ASP B 138 1.83 -17.85 -23.94
N CYS B 139 1.32 -17.73 -22.72
N CYS B 139 1.30 -17.76 -22.72
CA CYS B 139 0.96 -16.43 -22.09
CA CYS B 139 0.97 -16.49 -22.00
C CYS B 139 2.23 -15.77 -21.54
C CYS B 139 2.27 -15.75 -21.65
N GLU B 140 2.18 -14.44 -21.37
CA GLU B 140 3.35 -13.62 -20.94
C GLU B 140 3.04 -12.94 -19.61
N ILE B 141 4.04 -12.88 -18.73
CA ILE B 141 3.98 -12.23 -17.39
C ILE B 141 5.03 -11.10 -17.34
N VAL B 142 4.59 -9.89 -17.02
CA VAL B 142 5.46 -8.68 -16.88
C VAL B 142 5.47 -8.29 -15.40
N CYS B 143 6.66 -8.33 -14.77
CA CYS B 143 6.87 -7.96 -13.35
C CYS B 143 7.79 -6.74 -13.26
N SER B 144 7.38 -5.73 -12.49
CA SER B 144 8.20 -4.55 -12.11
C SER B 144 9.37 -5.01 -11.24
N THR B 145 10.58 -4.49 -11.51
CA THR B 145 11.81 -4.80 -10.72
C THR B 145 11.82 -4.00 -9.41
N LEU B 146 10.79 -3.17 -9.16
CA LEU B 146 10.61 -2.46 -7.87
C LEU B 146 9.76 -3.32 -6.92
N CSD B 147 9.36 -4.52 -7.37
CA CSD B 147 8.45 -5.44 -6.62
CB CSD B 147 7.94 -6.59 -7.51
SG CSD B 147 6.39 -6.11 -8.31
C CSD B 147 9.16 -5.99 -5.39
O CSD B 147 10.32 -6.42 -5.50
OD1 CSD B 147 5.94 -7.31 -9.07
OD2 CSD B 147 5.26 -5.88 -7.21
N HIS B 148 8.46 -5.94 -4.24
CA HIS B 148 8.77 -6.70 -3.00
C HIS B 148 8.80 -8.19 -3.36
N GLU B 149 9.66 -8.98 -2.70
CA GLU B 149 9.84 -10.42 -3.03
C GLU B 149 8.57 -11.21 -2.71
N ALA B 150 7.73 -10.72 -1.80
CA ALA B 150 6.35 -11.21 -1.57
C ALA B 150 5.64 -11.42 -2.91
N ALA B 151 5.71 -10.43 -3.80
CA ALA B 151 5.10 -10.46 -5.15
C ALA B 151 5.98 -11.29 -6.10
N ALA B 152 7.28 -10.98 -6.16
CA ALA B 152 8.24 -11.60 -7.11
C ALA B 152 8.27 -13.12 -6.93
N SER B 153 8.31 -13.61 -5.67
CA SER B 153 8.35 -15.06 -5.33
C SER B 153 7.10 -15.76 -5.88
N ALA B 154 5.93 -15.11 -5.75
CA ALA B 154 4.63 -15.63 -6.23
C ALA B 154 4.66 -15.80 -7.74
N TRP B 155 5.13 -14.79 -8.48
CA TRP B 155 5.06 -14.73 -9.97
C TRP B 155 6.22 -15.54 -10.58
N ILE B 156 7.35 -15.62 -9.89
CA ILE B 156 8.49 -16.53 -10.27
C ILE B 156 8.02 -17.98 -10.14
N HIS B 157 7.36 -18.33 -9.04
N HIS B 157 7.36 -18.33 -9.04
CA HIS B 157 6.84 -19.70 -8.75
CA HIS B 157 6.85 -19.70 -8.75
C HIS B 157 5.76 -20.06 -9.77
C HIS B 157 5.75 -20.06 -9.75
N LEU B 158 4.82 -19.14 -10.03
CA LEU B 158 3.74 -19.31 -11.03
C LEU B 158 4.36 -19.51 -12.42
N SER B 159 5.34 -18.69 -12.78
CA SER B 159 6.11 -18.74 -14.05
C SER B 159 6.80 -20.10 -14.22
N ARG B 160 7.50 -20.56 -13.18
CA ARG B 160 8.27 -21.85 -13.17
C ARG B 160 7.30 -23.03 -13.35
N GLU B 161 6.12 -22.98 -12.72
CA GLU B 161 5.09 -24.05 -12.80
C GLU B 161 4.49 -24.10 -14.21
N LEU B 162 4.34 -22.95 -14.87
CA LEU B 162 3.71 -22.82 -16.22
C LEU B 162 4.74 -23.01 -17.33
N GLY B 163 6.05 -22.94 -17.02
CA GLY B 163 7.13 -22.99 -18.01
C GLY B 163 7.32 -21.65 -18.70
N ILE B 164 7.03 -20.56 -17.99
CA ILE B 164 7.10 -19.15 -18.50
C ILE B 164 8.39 -18.50 -18.00
N THR B 165 9.00 -17.67 -18.84
CA THR B 165 10.11 -16.75 -18.48
C THR B 165 9.54 -15.33 -18.36
N ILE B 166 9.70 -14.71 -17.19
CA ILE B 166 9.14 -13.35 -16.89
C ILE B 166 9.83 -12.33 -17.78
N LYS B 167 9.06 -11.41 -18.35
CA LYS B 167 9.55 -10.19 -19.04
C LYS B 167 9.61 -9.08 -18.01
N TRP B 168 10.77 -8.85 -17.41
CA TRP B 168 10.95 -7.90 -16.29
C TRP B 168 10.80 -6.46 -16.80
N TRP B 169 10.11 -5.63 -16.01
CA TRP B 169 9.76 -4.22 -16.31
C TRP B 169 10.63 -3.31 -15.44
N SER B 170 11.60 -2.63 -16.05
CA SER B 170 12.57 -1.75 -15.37
C SER B 170 11.99 -0.34 -15.23
N PRO B 171 12.17 0.31 -14.06
CA PRO B 171 11.74 1.70 -13.90
C PRO B 171 12.67 2.66 -14.67
N THR B 172 12.24 3.91 -14.82
CA THR B 172 12.97 4.97 -15.56
C THR B 172 13.68 5.88 -14.57
N THR B 173 14.94 6.23 -14.84
CA THR B 173 15.69 7.32 -14.18
C THR B 173 16.10 8.34 -15.27
N THR B 174 16.32 9.59 -14.86
CA THR B 174 16.91 10.68 -15.68
C THR B 174 18.29 10.99 -15.10
N PRO B 175 19.23 11.55 -15.90
CA PRO B 175 20.57 11.87 -15.39
C PRO B 175 20.57 12.91 -14.26
N ASN B 176 19.57 13.80 -14.24
CA ASN B 176 19.44 14.88 -13.22
C ASN B 176 18.84 14.31 -11.92
N SER B 177 18.19 13.14 -11.96
CA SER B 177 17.64 12.44 -10.77
C SER B 177 17.93 10.94 -10.86
N PRO B 178 19.21 10.53 -10.78
CA PRO B 178 19.61 9.15 -11.08
C PRO B 178 19.15 8.12 -10.03
N ASP B 179 18.86 8.56 -8.79
CA ASP B 179 18.47 7.70 -7.65
C ASP B 179 16.96 7.81 -7.40
N ASP B 180 16.21 8.35 -8.37
CA ASP B 180 14.74 8.60 -8.29
C ASP B 180 14.05 7.70 -9.32
N PRO B 181 13.84 6.39 -9.03
CA PRO B 181 13.28 5.46 -10.00
C PRO B 181 11.76 5.68 -10.10
N VAL B 182 11.25 5.92 -11.30
CA VAL B 182 9.80 6.12 -11.53
C VAL B 182 9.32 5.06 -12.51
N LEU B 183 8.07 4.62 -12.33
CA LEU B 183 7.42 3.58 -13.17
C LEU B 183 6.50 4.30 -14.15
N THR B 184 6.79 4.19 -15.46
CA THR B 184 6.07 4.90 -16.56
C THR B 184 5.33 3.89 -17.43
N THR B 185 4.25 4.33 -18.08
CA THR B 185 3.51 3.58 -19.13
C THR B 185 4.40 3.45 -20.36
N ASP B 186 5.31 4.40 -20.59
CA ASP B 186 6.24 4.42 -21.77
C ASP B 186 7.18 3.21 -21.70
N SER B 187 7.64 2.84 -20.50
CA SER B 187 8.58 1.72 -20.27
C SER B 187 7.82 0.38 -20.25
N LEU B 188 6.50 0.38 -20.03
CA LEU B 188 5.66 -0.85 -20.00
C LEU B 188 5.30 -1.29 -21.42
N LYS B 189 4.91 -0.34 -22.28
CA LYS B 189 4.30 -0.61 -23.61
C LYS B 189 5.16 -1.55 -24.45
N PRO B 190 6.50 -1.36 -24.55
CA PRO B 190 7.34 -2.27 -25.34
C PRO B 190 7.32 -3.73 -24.88
N LEU B 191 7.02 -3.98 -23.61
CA LEU B 191 6.98 -5.34 -23.00
C LEU B 191 5.61 -6.01 -23.26
N LEU B 192 4.60 -5.23 -23.65
CA LEU B 192 3.23 -5.73 -23.91
C LEU B 192 3.15 -6.36 -25.30
N SER B 193 2.41 -7.45 -25.41
CA SER B 193 2.04 -8.12 -26.68
C SER B 193 0.60 -8.59 -26.56
N PRO B 194 -0.05 -9.03 -27.67
CA PRO B 194 -1.38 -9.63 -27.59
C PRO B 194 -1.47 -10.82 -26.62
N LYS B 195 -0.33 -11.39 -26.23
CA LYS B 195 -0.26 -12.61 -25.37
C LYS B 195 0.03 -12.25 -23.90
N THR B 196 0.14 -10.96 -23.55
CA THR B 196 0.30 -10.49 -22.14
C THR B 196 -0.97 -10.89 -21.36
N ARG B 197 -0.81 -11.52 -20.19
CA ARG B 197 -1.93 -11.95 -19.32
C ARG B 197 -1.79 -11.40 -17.90
N LEU B 198 -0.56 -11.27 -17.38
CA LEU B 198 -0.31 -10.70 -16.03
C LEU B 198 0.65 -9.52 -16.12
N VAL B 199 0.28 -8.40 -15.49
CA VAL B 199 1.22 -7.28 -15.17
C VAL B 199 1.18 -7.08 -13.65
N THR B 200 2.34 -7.07 -13.02
CA THR B 200 2.50 -6.96 -11.54
C THR B 200 3.36 -5.74 -11.23
N CYS B 201 2.94 -4.93 -10.27
CA CYS B 201 3.72 -3.79 -9.73
C CYS B 201 3.17 -3.43 -8.36
N ASN B 202 3.82 -2.49 -7.66
CA ASN B 202 3.33 -2.00 -6.35
C ASN B 202 2.82 -0.57 -6.54
N HIS B 203 1.85 -0.18 -5.72
CA HIS B 203 1.32 1.21 -5.61
C HIS B 203 2.46 2.10 -5.10
N VAL B 204 3.17 1.62 -4.07
CA VAL B 204 4.40 2.24 -3.49
C VAL B 204 5.39 1.12 -3.18
N SER B 205 6.67 1.33 -3.49
CA SER B 205 7.80 0.44 -3.09
C SER B 205 8.21 0.77 -1.64
N ASN B 206 8.46 -0.28 -0.84
CA ASN B 206 8.81 -0.19 0.60
C ASN B 206 10.25 0.33 0.79
N VAL B 207 11.05 0.47 -0.28
CA VAL B 207 12.47 0.96 -0.22
C VAL B 207 12.64 2.22 -1.10
N VAL B 208 11.55 2.86 -1.54
CA VAL B 208 11.58 4.07 -2.41
C VAL B 208 10.60 5.11 -1.87
N GLY B 209 9.33 4.73 -1.71
CA GLY B 209 8.26 5.59 -1.14
C GLY B 209 7.48 6.34 -2.21
N THR B 210 7.89 6.24 -3.48
CA THR B 210 7.26 6.96 -4.62
C THR B 210 5.89 6.33 -4.91
N ILE B 211 4.88 7.18 -5.11
CA ILE B 211 3.50 6.77 -5.52
C ILE B 211 3.50 6.57 -7.04
N HIS B 212 3.18 5.36 -7.50
CA HIS B 212 3.19 4.96 -8.93
C HIS B 212 1.84 5.29 -9.55
N PRO B 213 1.79 5.59 -10.87
CA PRO B 213 0.54 5.98 -11.53
C PRO B 213 -0.31 4.77 -11.93
N ILE B 214 -1.01 4.18 -10.96
CA ILE B 214 -1.66 2.83 -11.07
C ILE B 214 -2.81 2.84 -12.07
N ARG B 215 -3.66 3.87 -12.07
CA ARG B 215 -4.82 3.96 -12.99
C ARG B 215 -4.31 4.11 -14.43
N GLU B 216 -3.23 4.87 -14.61
CA GLU B 216 -2.57 5.09 -15.93
C GLU B 216 -2.04 3.74 -16.44
N ILE B 217 -1.39 2.96 -15.57
CA ILE B 217 -0.85 1.60 -15.87
C ILE B 217 -2.02 0.66 -16.23
N ALA B 218 -3.10 0.67 -15.43
CA ALA B 218 -4.30 -0.17 -15.62
C ALA B 218 -4.90 0.08 -17.01
N ASP B 219 -5.06 1.35 -17.40
CA ASP B 219 -5.67 1.76 -18.69
C ASP B 219 -4.82 1.21 -19.85
N VAL B 220 -3.50 1.16 -19.69
CA VAL B 220 -2.55 0.66 -20.72
C VAL B 220 -2.62 -0.88 -20.76
N VAL B 221 -2.57 -1.54 -19.60
CA VAL B 221 -2.66 -3.03 -19.49
C VAL B 221 -3.97 -3.50 -20.15
N HIS B 222 -5.06 -2.75 -19.94
CA HIS B 222 -6.42 -3.13 -20.38
C HIS B 222 -6.66 -2.83 -21.87
N THR B 223 -5.66 -2.31 -22.59
CA THR B 223 -5.66 -2.24 -24.09
C THR B 223 -5.41 -3.64 -24.66
N ILE B 224 -4.82 -4.54 -23.86
CA ILE B 224 -4.59 -5.97 -24.21
C ILE B 224 -5.73 -6.81 -23.63
N PRO B 225 -6.71 -7.25 -24.44
CA PRO B 225 -7.83 -8.05 -23.92
C PRO B 225 -7.32 -9.35 -23.30
N GLY B 226 -7.76 -9.65 -22.07
CA GLY B 226 -7.35 -10.84 -21.30
C GLY B 226 -6.27 -10.52 -20.27
N ALA B 227 -5.61 -9.36 -20.38
CA ALA B 227 -4.53 -8.92 -19.45
C ALA B 227 -5.15 -8.46 -18.13
N MET B 228 -4.54 -8.85 -17.01
CA MET B 228 -4.96 -8.42 -15.65
C MET B 228 -3.76 -7.78 -14.93
N LEU B 229 -4.03 -6.68 -14.21
CA LEU B 229 -3.03 -5.92 -13.41
C LEU B 229 -3.16 -6.31 -11.94
N ILE B 230 -2.09 -6.80 -11.33
CA ILE B 230 -2.03 -7.18 -9.89
C ILE B 230 -1.15 -6.14 -9.16
N VAL B 231 -1.73 -5.41 -8.20
CA VAL B 231 -1.05 -4.27 -7.53
C VAL B 231 -0.83 -4.60 -6.06
N ASP B 232 0.42 -4.52 -5.62
CA ASP B 232 0.85 -4.65 -4.20
C ASP B 232 0.72 -3.26 -3.55
N GLY B 233 -0.27 -3.08 -2.68
CA GLY B 233 -0.62 -1.78 -2.07
C GLY B 233 -0.25 -1.71 -0.59
N VAL B 234 0.70 -2.52 -0.15
CA VAL B 234 1.05 -2.69 1.29
C VAL B 234 1.63 -1.37 1.84
N ALA B 235 2.43 -0.66 1.04
CA ALA B 235 3.13 0.59 1.42
C ALA B 235 2.29 1.84 1.08
N SER B 236 1.07 1.66 0.58
CA SER B 236 0.18 2.76 0.12
C SER B 236 -1.03 2.93 1.06
N VAL B 237 -1.71 1.84 1.42
CA VAL B 237 -3.01 1.86 2.15
C VAL B 237 -2.84 2.54 3.51
N PRO B 238 -1.71 2.36 4.23
CA PRO B 238 -1.48 3.09 5.48
C PRO B 238 -1.48 4.62 5.33
N HIS B 239 -0.93 5.13 4.22
CA HIS B 239 -0.56 6.55 4.03
C HIS B 239 -1.63 7.32 3.24
N ARG B 240 -2.43 6.63 2.41
CA ARG B 240 -3.38 7.29 1.47
C ARG B 240 -4.70 6.53 1.42
N PRO B 241 -5.84 7.23 1.25
CA PRO B 241 -7.11 6.57 0.95
C PRO B 241 -7.03 5.90 -0.43
N VAL B 242 -7.54 4.68 -0.55
CA VAL B 242 -7.52 3.90 -1.82
C VAL B 242 -8.96 3.65 -2.29
N ASP B 243 -9.20 3.83 -3.59
CA ASP B 243 -10.47 3.53 -4.30
C ASP B 243 -10.13 2.59 -5.46
N VAL B 244 -10.30 1.28 -5.27
CA VAL B 244 -9.86 0.23 -6.25
C VAL B 244 -10.66 0.36 -7.54
N LYS B 245 -11.83 1.00 -7.52
CA LYS B 245 -12.67 1.24 -8.73
C LYS B 245 -12.05 2.37 -9.55
N GLU B 246 -11.57 3.43 -8.89
CA GLU B 246 -10.89 4.59 -9.52
C GLU B 246 -9.53 4.14 -10.07
N LEU B 247 -8.84 3.23 -9.37
CA LEU B 247 -7.55 2.62 -9.83
C LEU B 247 -7.84 1.64 -10.98
N ASP B 248 -9.05 1.07 -11.00
CA ASP B 248 -9.53 0.13 -12.04
C ASP B 248 -8.58 -1.08 -12.12
N VAL B 249 -8.04 -1.50 -10.97
CA VAL B 249 -7.16 -2.70 -10.85
C VAL B 249 -8.02 -3.96 -10.95
N ASP B 250 -7.44 -5.05 -11.44
CA ASP B 250 -8.06 -6.41 -11.40
C ASP B 250 -7.90 -6.95 -9.98
N PHE B 251 -6.71 -6.79 -9.41
CA PHE B 251 -6.32 -7.31 -8.07
C PHE B 251 -5.49 -6.26 -7.32
N TYR B 252 -5.74 -6.16 -6.01
CA TYR B 252 -5.07 -5.24 -5.05
C TYR B 252 -4.95 -5.96 -3.70
N CYS B 253 -3.75 -5.96 -3.10
CA CYS B 253 -3.49 -6.64 -1.80
C CYS B 253 -2.74 -5.70 -0.85
N PHE B 254 -3.09 -5.74 0.44
CA PHE B 254 -2.41 -4.97 1.52
C PHE B 254 -2.39 -5.79 2.81
N SER B 255 -1.52 -5.39 3.75
CA SER B 255 -1.26 -6.03 5.06
C SER B 255 -1.67 -5.08 6.18
N TRP B 256 -2.48 -5.57 7.13
CA TRP B 256 -3.10 -4.77 8.22
C TRP B 256 -2.05 -4.36 9.27
N TYR B 257 -0.93 -5.07 9.37
CA TYR B 257 0.09 -4.86 10.44
C TYR B 257 0.93 -3.61 10.15
N1 LLP B 258 4.98 -5.85 0.02
C2 LLP B 258 5.38 -4.69 0.50
C2' LLP B 258 5.47 -3.52 -0.43
C3 LLP B 258 5.70 -4.55 1.86
O3 LLP B 258 6.09 -3.33 2.31
C4 LLP B 258 5.61 -5.65 2.72
C4' LLP B 258 5.92 -5.48 4.15
C5 LLP B 258 5.18 -6.88 2.18
C6 LLP B 258 4.89 -6.93 0.84
C5' LLP B 258 5.05 -8.14 3.00
OP4 LLP B 258 3.66 -8.44 3.28
P LLP B 258 3.29 -9.71 4.19
OP1 LLP B 258 3.32 -10.90 3.24
OP2 LLP B 258 1.90 -9.44 4.75
OP3 LLP B 258 4.36 -9.78 5.25
N LLP B 258 0.77 -3.00 8.96
CA LLP B 258 1.37 -1.70 8.61
CB LLP B 258 2.09 -1.84 7.25
CG LLP B 258 3.18 -2.93 7.26
CD LLP B 258 3.88 -3.16 5.92
CE LLP B 258 4.80 -4.37 5.93
NZ LLP B 258 5.69 -4.38 4.77
C LLP B 258 0.27 -0.61 8.66
O LLP B 258 0.56 0.55 8.33
N LEU B 259 -0.92 -0.99 9.16
CA LEU B 259 -2.15 -0.16 9.23
C LEU B 259 -2.76 -0.25 10.64
N PHE B 260 -1.94 -0.28 11.69
CA PHE B 260 -2.40 -0.18 13.10
C PHE B 260 -3.28 -1.40 13.45
N GLY B 261 -3.03 -2.53 12.77
CA GLY B 261 -3.85 -3.75 12.87
C GLY B 261 -2.99 -4.99 13.03
N PRO B 262 -3.58 -6.20 12.90
CA PRO B 262 -2.85 -7.46 13.10
C PRO B 262 -2.07 -7.90 11.86
N HIS B 263 -1.25 -8.93 12.00
CA HIS B 263 -0.58 -9.64 10.88
C HIS B 263 -1.64 -10.46 10.14
N LEU B 264 -2.25 -9.84 9.12
CA LEU B 264 -3.45 -10.31 8.39
C LEU B 264 -3.52 -9.55 7.06
N GLY B 265 -3.61 -10.28 5.94
CA GLY B 265 -3.72 -9.70 4.59
C GLY B 265 -5.17 -9.48 4.20
N THR B 266 -5.40 -8.60 3.23
CA THR B 266 -6.69 -8.46 2.50
C THR B 266 -6.39 -8.33 1.00
N LEU B 267 -7.00 -9.20 0.20
CA LEU B 267 -6.90 -9.22 -1.29
C LEU B 267 -8.24 -8.76 -1.88
N TYR B 268 -8.19 -7.84 -2.83
CA TYR B 268 -9.35 -7.42 -3.66
C TYR B 268 -9.24 -8.13 -5.02
N ALA B 269 -10.37 -8.62 -5.54
CA ALA B 269 -10.50 -9.19 -6.90
C ALA B 269 -11.77 -8.64 -7.53
N SER B 270 -11.66 -7.91 -8.64
CA SER B 270 -12.81 -7.35 -9.38
C SER B 270 -13.72 -8.51 -9.82
N ARG B 271 -15.02 -8.26 -9.93
CA ARG B 271 -16.03 -9.26 -10.35
C ARG B 271 -15.63 -9.84 -11.72
N LYS B 272 -15.15 -8.99 -12.63
CA LYS B 272 -14.70 -9.41 -13.99
C LYS B 272 -13.50 -10.37 -13.86
N ALA B 273 -12.54 -10.05 -12.99
CA ALA B 273 -11.33 -10.87 -12.74
C ALA B 273 -11.75 -12.25 -12.21
N GLN B 274 -12.60 -12.27 -11.19
CA GLN B 274 -13.12 -13.50 -10.55
C GLN B 274 -13.82 -14.39 -11.58
N ASP B 275 -14.75 -13.83 -12.36
CA ASP B 275 -15.64 -14.59 -13.27
C ASP B 275 -14.84 -15.15 -14.45
N ARG B 276 -13.82 -14.44 -14.94
CA ARG B 276 -13.13 -14.75 -16.21
C ARG B 276 -11.81 -15.50 -15.99
N TYR B 277 -11.02 -15.13 -14.97
CA TYR B 277 -9.59 -15.52 -14.83
C TYR B 277 -9.37 -16.52 -13.68
N MET B 278 -10.27 -16.59 -12.69
CA MET B 278 -10.02 -17.31 -11.41
C MET B 278 -10.73 -18.67 -11.40
N THR B 279 -10.06 -19.69 -10.86
CA THR B 279 -10.62 -21.02 -10.47
C THR B 279 -10.50 -21.18 -8.95
N SER B 280 -11.54 -21.73 -8.33
CA SER B 280 -11.56 -22.06 -6.87
C SER B 280 -10.42 -23.02 -6.53
N ILE B 281 -9.70 -22.75 -5.44
CA ILE B 281 -8.69 -23.67 -4.83
C ILE B 281 -9.32 -24.33 -3.59
N ASN B 282 -10.61 -24.08 -3.34
CA ASN B 282 -11.34 -24.51 -2.11
C ASN B 282 -11.97 -25.88 -2.37
N HIS B 283 -12.61 -26.47 -1.35
CA HIS B 283 -13.30 -27.79 -1.43
C HIS B 283 -14.35 -27.75 -2.55
N TYR B 284 -14.62 -28.90 -3.18
CA TYR B 284 -15.53 -29.01 -4.35
C TYR B 284 -16.95 -28.55 -3.98
N PHE B 285 -17.36 -28.71 -2.72
CA PHE B 285 -18.74 -28.46 -2.22
C PHE B 285 -18.96 -26.98 -1.87
N VAL B 286 -17.89 -26.18 -1.78
CA VAL B 286 -17.96 -24.73 -1.39
C VAL B 286 -18.28 -23.90 -2.65
N SER B 287 -19.30 -23.04 -2.55
CA SER B 287 -19.75 -22.10 -3.62
C SER B 287 -18.60 -21.14 -3.93
N SER B 288 -18.21 -21.02 -5.21
CA SER B 288 -17.00 -20.33 -5.68
C SER B 288 -17.35 -18.93 -6.23
N SER B 289 -18.58 -18.47 -5.98
CA SER B 289 -19.12 -17.16 -6.47
C SER B 289 -18.35 -16.00 -5.82
N SER B 290 -18.16 -16.03 -4.50
CA SER B 290 -17.42 -15.00 -3.71
C SER B 290 -15.91 -15.26 -3.78
N LEU B 291 -15.10 -14.25 -3.46
CA LEU B 291 -13.62 -14.36 -3.39
C LEU B 291 -13.23 -15.28 -2.22
N ASP B 292 -13.94 -15.21 -1.09
CA ASP B 292 -13.78 -16.13 0.07
C ASP B 292 -14.00 -17.57 -0.40
N GLY B 293 -15.09 -17.81 -1.15
CA GLY B 293 -15.43 -19.12 -1.74
C GLY B 293 -14.27 -19.71 -2.52
N LYS B 294 -13.56 -18.88 -3.29
CA LYS B 294 -12.44 -19.31 -4.18
C LYS B 294 -11.17 -19.61 -3.36
N LEU B 295 -10.81 -18.75 -2.41
CA LEU B 295 -9.42 -18.67 -1.86
C LEU B 295 -9.33 -19.02 -0.36
N ALA B 296 -10.43 -18.95 0.39
CA ALA B 296 -10.44 -19.21 1.86
C ALA B 296 -10.13 -20.69 2.12
N LEU B 297 -8.93 -20.97 2.64
CA LEU B 297 -8.46 -22.34 3.01
C LEU B 297 -8.69 -22.55 4.50
N GLY B 298 -9.71 -23.35 4.85
CA GLY B 298 -10.06 -23.70 6.24
C GLY B 298 -10.77 -22.57 6.96
N MET B 299 -10.92 -22.70 8.28
CA MET B 299 -11.66 -21.74 9.14
C MET B 299 -10.90 -20.42 9.17
N PRO B 300 -11.55 -19.28 8.80
CA PRO B 300 -10.91 -17.97 8.88
C PRO B 300 -10.61 -17.55 10.32
N SER B 301 -9.59 -16.69 10.50
CA SER B 301 -9.22 -16.09 11.80
C SER B 301 -10.15 -14.92 12.10
N PHE B 302 -11.37 -15.23 12.55
CA PHE B 302 -12.44 -14.24 12.84
C PHE B 302 -11.93 -13.19 13.83
N GLU B 303 -11.15 -13.63 14.82
CA GLU B 303 -10.62 -12.78 15.92
C GLU B 303 -9.76 -11.64 15.34
N LEU B 304 -8.96 -11.93 14.30
CA LEU B 304 -8.07 -10.93 13.66
C LEU B 304 -8.88 -10.01 12.72
N GLN B 305 -9.84 -10.57 11.97
CA GLN B 305 -10.70 -9.82 11.01
C GLN B 305 -11.48 -8.72 11.74
N LEU B 306 -11.98 -9.01 12.95
CA LEU B 306 -12.86 -8.08 13.71
C LEU B 306 -12.04 -6.94 14.32
N MET B 307 -10.70 -6.96 14.17
CA MET B 307 -9.79 -5.85 14.59
C MET B 307 -9.83 -4.72 13.55
N CYS B 308 -10.32 -4.99 12.35
CA CYS B 308 -10.09 -4.14 11.14
C CYS B 308 -11.11 -3.00 11.03
N SER B 309 -12.39 -3.25 11.35
CA SER B 309 -13.47 -2.24 11.21
C SER B 309 -13.24 -1.07 12.17
N PRO B 310 -12.80 -1.29 13.43
CA PRO B 310 -12.36 -0.20 14.30
C PRO B 310 -11.30 0.73 13.71
N ILE B 311 -10.36 0.19 12.92
CA ILE B 311 -9.23 0.95 12.30
C ILE B 311 -9.77 1.80 11.14
N VAL B 312 -10.64 1.22 10.32
CA VAL B 312 -11.33 1.93 9.19
C VAL B 312 -12.07 3.15 9.77
N SER B 313 -12.85 2.93 10.83
CA SER B 313 -13.62 3.98 11.55
C SER B 313 -12.66 5.03 12.11
N TYR B 314 -11.55 4.59 12.71
CA TYR B 314 -10.49 5.46 13.29
C TYR B 314 -9.90 6.35 12.19
N LEU B 315 -9.34 5.76 11.14
CA LEU B 315 -8.61 6.48 10.06
C LEU B 315 -9.55 7.45 9.35
N GLN B 316 -10.77 7.02 9.03
CA GLN B 316 -11.73 7.79 8.18
C GLN B 316 -12.44 8.88 9.00
N ASP B 317 -12.87 8.58 10.24
CA ASP B 317 -13.80 9.45 11.01
C ASP B 317 -13.11 10.12 12.21
N THR B 318 -12.35 9.37 13.02
CA THR B 318 -11.72 9.88 14.27
C THR B 318 -10.66 10.92 13.91
N VAL B 319 -9.66 10.56 13.09
CA VAL B 319 -8.56 11.47 12.65
C VAL B 319 -8.92 12.06 11.29
N GLY B 320 -9.30 11.21 10.32
CA GLY B 320 -9.59 11.62 8.93
C GLY B 320 -8.33 11.70 8.09
N TRP B 321 -8.45 11.47 6.78
CA TRP B 321 -7.30 11.38 5.84
C TRP B 321 -6.64 12.74 5.64
N ASP B 322 -7.42 13.83 5.67
CA ASP B 322 -6.90 15.21 5.50
C ASP B 322 -5.80 15.46 6.52
N ARG B 323 -6.07 15.13 7.79
CA ARG B 323 -5.16 15.35 8.95
C ARG B 323 -4.00 14.34 8.89
N ILE B 324 -4.27 13.10 8.47
CA ILE B 324 -3.26 12.00 8.37
C ILE B 324 -2.18 12.40 7.36
N VAL B 325 -2.59 12.73 6.12
CA VAL B 325 -1.67 13.03 4.98
C VAL B 325 -0.86 14.28 5.32
N ARG B 326 -1.53 15.37 5.73
CA ARG B 326 -0.90 16.67 6.07
C ARG B 326 0.13 16.48 7.19
N GLN B 327 -0.20 15.68 8.22
CA GLN B 327 0.72 15.39 9.36
C GLN B 327 1.97 14.69 8.81
N GLU B 328 1.78 13.59 8.07
CA GLU B 328 2.88 12.76 7.50
C GLU B 328 3.73 13.60 6.54
N THR B 329 3.11 14.51 5.78
CA THR B 329 3.78 15.40 4.79
C THR B 329 4.77 16.33 5.50
N VAL B 330 4.35 16.95 6.60
CA VAL B 330 5.18 17.89 7.42
C VAL B 330 6.42 17.15 7.95
N LEU B 331 6.23 15.90 8.41
CA LEU B 331 7.32 15.06 9.00
C LEU B 331 8.38 14.75 7.93
N VAL B 332 7.94 14.40 6.72
CA VAL B 332 8.84 14.10 5.57
C VAL B 332 9.58 15.39 5.17
N THR B 333 8.88 16.53 5.19
CA THR B 333 9.46 17.87 4.88
C THR B 333 10.65 18.14 5.82
N ILE B 334 10.50 17.82 7.12
CA ILE B 334 11.55 18.09 8.15
C ILE B 334 12.77 17.19 7.89
N LEU B 335 12.54 15.89 7.64
CA LEU B 335 13.62 14.90 7.45
C LEU B 335 14.40 15.21 6.15
N LEU B 336 13.71 15.39 5.03
CA LEU B 336 14.32 15.66 3.71
C LEU B 336 15.05 17.02 3.77
N GLU B 337 14.43 18.03 4.37
CA GLU B 337 15.03 19.38 4.58
C GLU B 337 16.45 19.20 5.15
N TYR B 338 16.59 18.37 6.19
CA TYR B 338 17.90 18.07 6.83
C TYR B 338 18.79 17.25 5.88
N LEU B 339 18.29 16.12 5.38
CA LEU B 339 19.07 15.13 4.58
C LEU B 339 19.66 15.81 3.33
N LEU B 340 18.86 16.62 2.62
CA LEU B 340 19.29 17.30 1.36
C LEU B 340 20.12 18.54 1.67
N SER B 341 20.13 19.01 2.92
CA SER B 341 20.95 20.17 3.40
C SER B 341 22.43 19.80 3.35
N LYS B 342 22.76 18.50 3.40
CA LYS B 342 24.15 17.97 3.35
C LYS B 342 24.26 16.98 2.21
N PRO B 343 24.33 17.44 0.93
CA PRO B 343 24.40 16.54 -0.22
C PRO B 343 25.68 15.69 -0.24
N SER B 344 26.77 16.21 0.32
CA SER B 344 28.10 15.56 0.43
C SER B 344 28.06 14.35 1.37
N VAL B 345 27.08 14.31 2.29
CA VAL B 345 27.00 13.35 3.44
C VAL B 345 25.91 12.31 3.16
N TYR B 346 24.72 12.76 2.75
CA TYR B 346 23.51 11.89 2.55
C TYR B 346 23.19 11.77 1.05
N ARG B 347 23.13 10.54 0.56
CA ARG B 347 22.58 10.15 -0.77
C ARG B 347 21.15 9.65 -0.56
N VAL B 348 20.14 10.44 -0.96
CA VAL B 348 18.69 10.17 -0.74
C VAL B 348 18.15 9.48 -2.00
N PHE B 349 17.49 8.32 -1.82
CA PHE B 349 16.81 7.56 -2.89
C PHE B 349 15.34 7.99 -2.95
N GLY B 350 14.72 7.89 -4.13
CA GLY B 350 13.32 8.27 -4.37
C GLY B 350 13.15 9.74 -4.65
N ARG B 351 11.95 10.28 -4.39
CA ARG B 351 11.56 11.67 -4.70
C ARG B 351 12.11 12.61 -3.61
N ARG B 352 12.93 13.58 -4.00
CA ARG B 352 13.61 14.54 -3.08
C ARG B 352 12.72 15.76 -2.85
N ASN B 353 11.42 15.53 -2.66
CA ASN B 353 10.43 16.50 -2.13
C ASN B 353 9.40 15.72 -1.31
N SER B 354 8.53 16.41 -0.58
CA SER B 354 7.58 15.84 0.42
C SER B 354 6.15 15.88 -0.12
N ASP B 355 5.95 16.22 -1.40
CA ASP B 355 4.61 16.44 -2.00
C ASP B 355 3.78 15.16 -1.86
N PRO B 356 2.57 15.26 -1.27
CA PRO B 356 1.78 14.06 -0.93
C PRO B 356 1.25 13.25 -2.12
N SER B 357 1.04 13.88 -3.29
CA SER B 357 0.58 13.21 -4.53
C SER B 357 1.74 12.41 -5.15
N GLN B 358 2.98 12.75 -4.78
CA GLN B 358 4.22 12.23 -5.41
C GLN B 358 4.84 11.10 -4.59
N ARG B 359 4.83 11.21 -3.26
CA ARG B 359 5.54 10.26 -2.36
C ARG B 359 4.88 10.21 -0.99
N VAL B 360 4.92 9.02 -0.35
CA VAL B 360 4.43 8.76 1.03
C VAL B 360 5.62 8.90 2.00
N ALA B 361 5.36 8.77 3.31
CA ALA B 361 6.35 9.01 4.39
C ALA B 361 7.20 7.74 4.62
N ILE B 362 7.79 7.21 3.53
CA ILE B 362 8.86 6.18 3.55
C ILE B 362 10.07 6.80 2.85
N VAL B 363 11.10 7.17 3.61
CA VAL B 363 12.35 7.80 3.08
C VAL B 363 13.50 6.80 3.24
N THR B 364 14.11 6.41 2.12
CA THR B 364 15.37 5.61 2.08
C THR B 364 16.52 6.51 1.64
N PHE B 365 17.70 6.26 2.22
CA PHE B 365 18.97 6.99 1.97
C PHE B 365 20.12 6.11 2.44
N GLU B 366 21.35 6.49 2.09
CA GLU B 366 22.58 5.95 2.73
C GLU B 366 23.46 7.13 3.14
N VAL B 367 24.38 6.88 4.08
CA VAL B 367 25.45 7.83 4.51
C VAL B 367 26.71 7.48 3.71
N VAL B 368 27.20 8.42 2.89
CA VAL B 368 28.36 8.22 1.97
C VAL B 368 29.56 7.75 2.81
N GLY B 369 30.18 6.63 2.40
CA GLY B 369 31.44 6.13 2.98
C GLY B 369 31.27 5.45 4.32
N ARG B 370 30.02 5.15 4.72
CA ARG B 370 29.68 4.50 6.02
C ARG B 370 28.72 3.34 5.78
N SER B 371 28.79 2.30 6.62
CA SER B 371 27.87 1.14 6.63
C SER B 371 26.47 1.58 7.07
N SER B 372 25.43 1.23 6.29
CA SER B 372 24.00 1.52 6.59
C SER B 372 23.57 0.77 7.86
N GLY B 373 24.14 -0.42 8.09
CA GLY B 373 23.91 -1.25 9.30
C GLY B 373 24.53 -0.63 10.55
N ASP B 374 25.70 0.01 10.40
CA ASP B 374 26.43 0.69 11.50
C ASP B 374 25.59 1.89 11.98
N VAL B 375 24.99 2.64 11.05
CA VAL B 375 24.16 3.85 11.33
C VAL B 375 22.93 3.43 12.14
N ALA B 376 22.14 2.48 11.61
CA ALA B 376 20.88 1.98 12.20
C ALA B 376 21.15 1.37 13.60
N MET B 377 22.22 0.59 13.72
CA MET B 377 22.66 -0.04 15.00
C MET B 377 22.82 1.04 16.06
N ARG B 378 23.54 2.12 15.74
CA ARG B 378 23.91 3.20 16.69
C ARG B 378 22.65 3.96 17.15
N VAL B 379 21.70 4.20 16.24
CA VAL B 379 20.41 4.89 16.57
C VAL B 379 19.59 3.96 17.48
N ASN B 380 19.49 2.68 17.12
CA ASN B 380 18.61 1.66 17.78
C ASN B 380 19.19 1.27 19.15
N THR B 381 20.53 1.17 19.29
CA THR B 381 21.22 0.88 20.57
C THR B 381 20.97 2.03 21.55
N ARG B 382 21.05 3.29 21.08
CA ARG B 382 20.69 4.49 21.88
C ARG B 382 19.21 4.39 22.30
N ASN B 383 18.36 3.92 21.38
CA ASN B 383 16.97 3.45 21.62
C ASN B 383 16.03 4.65 21.87
N ARG B 384 16.42 5.85 21.41
CA ARG B 384 15.54 7.05 21.40
C ARG B 384 14.63 6.96 20.17
N PHE B 385 15.11 6.31 19.10
CA PHE B 385 14.40 6.10 17.82
C PHE B 385 14.63 4.66 17.32
N ARG B 386 13.60 4.04 16.77
CA ARG B 386 13.66 2.69 16.13
C ARG B 386 13.59 2.89 14.60
N ILE B 387 14.71 2.66 13.91
CA ILE B 387 14.80 2.67 12.42
C ILE B 387 15.30 1.29 11.97
N THR B 388 15.57 1.11 10.68
CA THR B 388 16.05 -0.18 10.12
C THR B 388 17.04 0.09 8.98
N SER B 389 17.73 -0.97 8.55
CA SER B 389 18.71 -0.97 7.43
C SER B 389 18.65 -2.32 6.71
N GLY B 390 19.24 -2.39 5.51
CA GLY B 390 19.43 -3.66 4.78
C GLY B 390 18.73 -3.65 3.43
N THR B 391 18.26 -4.83 3.01
CA THR B 391 17.59 -5.09 1.72
C THR B 391 16.07 -4.99 1.89
N LEU B 392 15.58 -5.26 3.11
CA LEU B 392 14.16 -5.07 3.53
C LEU B 392 13.23 -5.91 2.65
N MET B 393 13.60 -7.18 2.43
CA MET B 393 12.78 -8.21 1.73
C MET B 393 12.46 -7.73 0.30
N ALA B 394 13.34 -6.91 -0.28
CA ALA B 394 13.18 -6.31 -1.62
C ALA B 394 14.55 -6.20 -2.30
N PRO B 395 15.20 -7.34 -2.65
CA PRO B 395 16.52 -7.33 -3.26
C PRO B 395 16.60 -6.71 -4.67
N ARG B 396 15.52 -6.82 -5.45
CA ARG B 396 15.47 -6.35 -6.85
C ARG B 396 15.51 -4.82 -6.86
N PRO B 397 14.58 -4.09 -6.20
CA PRO B 397 14.66 -2.64 -6.17
C PRO B 397 15.95 -2.13 -5.49
N THR B 398 16.38 -2.77 -4.39
CA THR B 398 17.57 -2.34 -3.60
C THR B 398 18.84 -2.48 -4.44
N TRP B 399 19.12 -3.67 -4.97
CA TRP B 399 20.45 -4.04 -5.53
C TRP B 399 20.50 -3.93 -7.05
N ASP B 400 19.36 -3.97 -7.76
CA ASP B 400 19.30 -3.94 -9.24
C ASP B 400 18.93 -2.53 -9.74
N VAL B 401 18.23 -1.73 -8.93
CA VAL B 401 17.75 -0.36 -9.33
C VAL B 401 18.51 0.69 -8.51
N LEU B 402 18.26 0.77 -7.19
CA LEU B 402 18.82 1.83 -6.31
C LEU B 402 20.35 1.71 -6.25
N LYS B 403 20.87 0.48 -6.11
CA LYS B 403 22.33 0.16 -6.11
C LYS B 403 23.04 1.03 -5.08
N PRO B 404 22.83 0.81 -3.76
CA PRO B 404 23.58 1.52 -2.73
C PRO B 404 25.05 1.07 -2.72
N LYS B 405 25.96 1.99 -2.41
CA LYS B 405 27.43 1.72 -2.36
C LYS B 405 27.77 0.92 -1.10
N SER B 406 26.97 1.08 -0.03
CA SER B 406 27.08 0.32 1.24
C SER B 406 26.68 -1.15 1.02
N SER B 407 27.56 -2.09 1.42
CA SER B 407 27.35 -3.56 1.35
C SER B 407 26.19 -3.98 2.25
N ASP B 408 25.87 -3.16 3.26
CA ASP B 408 24.78 -3.39 4.24
C ASP B 408 23.46 -2.83 3.71
N GLY B 409 23.45 -2.30 2.48
CA GLY B 409 22.24 -1.82 1.80
C GLY B 409 21.83 -0.42 2.24
N LEU B 410 20.54 -0.23 2.54
CA LEU B 410 19.89 1.09 2.71
C LEU B 410 19.65 1.38 4.19
N VAL B 411 19.51 2.66 4.54
CA VAL B 411 18.88 3.15 5.80
C VAL B 411 17.45 3.57 5.46
N ARG B 412 16.46 3.12 6.23
CA ARG B 412 15.03 3.49 6.01
C ARG B 412 14.42 4.08 7.29
N VAL B 413 13.88 5.29 7.16
CA VAL B 413 13.03 5.97 8.18
C VAL B 413 11.61 6.04 7.60
N SER B 414 10.62 5.50 8.30
CA SER B 414 9.21 5.41 7.85
C SER B 414 8.27 5.91 8.95
N PHE B 415 7.50 6.95 8.65
CA PHE B 415 6.57 7.64 9.58
C PHE B 415 5.13 7.20 9.29
N VAL B 416 4.27 7.30 10.31
CA VAL B 416 2.78 7.33 10.17
C VAL B 416 2.26 8.53 10.97
N HIS B 417 0.94 8.75 10.95
CA HIS B 417 0.28 10.00 11.43
C HIS B 417 0.47 10.20 12.94
N TYR B 418 0.82 9.17 13.72
CA TYR B 418 1.00 9.29 15.19
C TYR B 418 2.43 9.75 15.52
N ASN B 419 3.31 9.92 14.53
CA ASN B 419 4.66 10.50 14.70
C ASN B 419 4.56 12.03 14.74
N THR B 420 5.44 12.68 15.50
CA THR B 420 5.39 14.13 15.83
C THR B 420 6.55 14.88 15.16
N VAL B 421 6.42 16.19 14.99
CA VAL B 421 7.47 17.07 14.40
C VAL B 421 8.67 17.12 15.36
N GLU B 422 8.42 17.12 16.67
CA GLU B 422 9.47 17.18 17.73
C GLU B 422 10.37 15.95 17.63
N GLU B 423 9.80 14.78 17.38
CA GLU B 423 10.52 13.48 17.21
C GLU B 423 11.48 13.57 16.02
N VAL B 424 11.00 14.02 14.86
CA VAL B 424 11.77 14.07 13.59
C VAL B 424 12.95 15.03 13.75
N ARG B 425 12.71 16.21 14.33
CA ARG B 425 13.73 17.26 14.60
C ARG B 425 14.82 16.69 15.53
N ALA B 426 14.41 15.98 16.58
CA ALA B 426 15.31 15.36 17.57
C ALA B 426 16.15 14.26 16.89
N PHE B 427 15.53 13.44 16.05
CA PHE B 427 16.19 12.36 15.26
C PHE B 427 17.27 12.97 14.35
N CYS B 428 16.94 14.08 13.68
CA CYS B 428 17.84 14.82 12.75
C CYS B 428 19.08 15.31 13.50
N SER B 429 18.93 15.69 14.78
CA SER B 429 20.03 16.14 15.66
C SER B 429 20.93 14.94 16.03
N GLU B 430 20.31 13.82 16.43
CA GLU B 430 21.03 12.58 16.85
C GLU B 430 21.80 12.00 15.65
N LEU B 431 21.14 11.88 14.49
CA LEU B 431 21.72 11.33 13.24
C LEU B 431 22.95 12.16 12.86
N ASP B 432 22.85 13.50 12.94
CA ASP B 432 23.95 14.45 12.65
C ASP B 432 25.18 14.10 13.50
N GLU B 433 25.00 13.99 14.82
CA GLU B 433 26.08 13.69 15.81
C GLU B 433 26.78 12.37 15.44
N ILE B 434 26.01 11.32 15.14
CA ILE B 434 26.53 9.96 14.78
C ILE B 434 27.43 10.10 13.54
N VAL B 435 26.97 10.81 12.51
CA VAL B 435 27.61 10.92 11.17
C VAL B 435 28.84 11.85 11.25
N THR B 436 28.70 13.02 11.88
CA THR B 436 29.76 14.06 11.97
C THR B 436 30.95 13.55 12.80
N ARG B 437 30.66 12.87 13.93
CA ARG B 437 31.70 12.30 14.85
C ARG B 437 32.40 11.14 14.14
N PRO C 32 -24.15 -43.43 40.72
CA PRO C 32 -24.26 -42.40 39.68
C PRO C 32 -22.90 -41.73 39.41
N LEU C 33 -22.48 -41.67 38.14
CA LEU C 33 -21.18 -41.10 37.71
C LEU C 33 -21.17 -39.59 37.98
N GLU C 34 -20.08 -39.10 38.59
CA GLU C 34 -19.89 -37.67 38.96
C GLU C 34 -18.66 -37.11 38.23
N ASN C 35 -18.51 -35.78 38.23
CA ASN C 35 -17.34 -35.05 37.65
C ASN C 35 -16.07 -35.48 38.39
N VAL C 36 -14.97 -35.64 37.64
CA VAL C 36 -13.61 -35.99 38.18
C VAL C 36 -12.80 -34.70 38.36
N ILE C 37 -13.08 -33.66 37.55
CA ILE C 37 -12.43 -32.32 37.63
C ILE C 37 -13.16 -31.44 38.63
N ASP C 38 -12.50 -30.36 39.07
CA ASP C 38 -13.12 -29.23 39.84
C ASP C 38 -13.79 -28.29 38.82
N VAL C 39 -15.10 -28.45 38.63
CA VAL C 39 -15.91 -27.75 37.58
C VAL C 39 -15.65 -26.24 37.68
N GLU C 40 -15.83 -25.66 38.86
CA GLU C 40 -15.72 -24.19 39.12
C GLU C 40 -14.32 -23.70 38.73
N SER C 41 -13.27 -24.41 39.16
CA SER C 41 -11.85 -24.06 38.94
C SER C 41 -11.51 -24.06 37.44
N VAL C 42 -12.01 -25.04 36.69
CA VAL C 42 -11.79 -25.21 35.22
C VAL C 42 -12.57 -24.11 34.46
N ARG C 43 -13.85 -23.93 34.80
CA ARG C 43 -14.78 -23.03 34.08
C ARG C 43 -14.46 -21.55 34.39
N SER C 44 -13.62 -21.27 35.38
CA SER C 44 -13.12 -19.91 35.71
C SER C 44 -12.23 -19.37 34.58
N HIS C 45 -11.53 -20.26 33.87
CA HIS C 45 -10.62 -19.94 32.73
C HIS C 45 -11.43 -19.74 31.44
N PHE C 46 -12.75 -19.98 31.46
CA PHE C 46 -13.66 -19.98 30.28
C PHE C 46 -14.95 -19.25 30.63
N PRO C 47 -14.91 -17.91 30.83
CA PRO C 47 -16.00 -17.18 31.48
C PRO C 47 -17.41 -17.29 30.85
N VAL C 48 -17.52 -17.49 29.53
CA VAL C 48 -18.80 -17.47 28.77
C VAL C 48 -19.63 -18.72 29.09
N LEU C 49 -19.01 -19.76 29.68
CA LEU C 49 -19.70 -21.02 30.07
C LEU C 49 -20.60 -20.80 31.30
N GLY C 50 -20.53 -19.64 31.94
CA GLY C 50 -21.45 -19.24 33.02
C GLY C 50 -22.83 -18.84 32.51
N GLY C 51 -22.98 -18.71 31.19
CA GLY C 51 -24.23 -18.28 30.52
C GLY C 51 -25.26 -19.40 30.44
N GLU C 52 -26.28 -19.20 29.60
CA GLU C 52 -27.50 -20.07 29.49
C GLU C 52 -27.22 -21.28 28.59
N THR C 53 -26.26 -21.16 27.64
CA THR C 53 -25.97 -22.19 26.61
C THR C 53 -24.74 -23.01 27.01
N ALA C 54 -24.86 -24.34 26.99
CA ALA C 54 -23.74 -25.30 27.17
C ALA C 54 -23.08 -25.56 25.80
N ALA C 55 -21.75 -25.57 25.77
CA ALA C 55 -20.91 -25.73 24.57
C ALA C 55 -20.71 -27.22 24.26
N PHE C 56 -21.51 -27.79 23.36
CA PHE C 56 -21.50 -29.22 22.97
C PHE C 56 -21.14 -29.37 21.48
N ASN C 57 -20.47 -28.36 20.89
CA ASN C 57 -19.98 -28.37 19.50
C ASN C 57 -18.52 -27.92 19.47
N ASN C 58 -17.69 -28.54 20.32
CA ASN C 58 -16.26 -28.18 20.52
C ASN C 58 -15.41 -28.67 19.35
N ALA C 59 -15.89 -29.70 18.63
CA ALA C 59 -15.22 -30.27 17.44
C ALA C 59 -15.26 -29.27 16.27
N SER C 60 -16.13 -28.26 16.32
CA SER C 60 -16.20 -27.14 15.35
C SER C 60 -15.49 -25.89 15.91
N GLY C 61 -15.27 -25.82 17.23
CA GLY C 61 -14.54 -24.70 17.86
C GLY C 61 -14.82 -24.60 19.34
N THR C 62 -13.77 -24.47 20.16
CA THR C 62 -13.82 -24.35 21.64
C THR C 62 -13.94 -22.89 22.05
N VAL C 63 -14.32 -22.63 23.30
CA VAL C 63 -14.21 -21.27 23.94
C VAL C 63 -12.70 -21.05 24.22
N VAL C 64 -12.22 -19.82 24.02
CA VAL C 64 -10.76 -19.50 24.10
C VAL C 64 -10.36 -19.42 25.59
N LEU C 65 -9.18 -19.91 25.93
CA LEU C 65 -8.60 -19.84 27.30
C LEU C 65 -8.41 -18.38 27.68
N LYS C 66 -8.81 -18.00 28.90
CA LYS C 66 -8.68 -16.61 29.45
C LYS C 66 -7.22 -16.16 29.36
N GLU C 67 -6.27 -17.02 29.79
CA GLU C 67 -4.82 -16.70 29.85
C GLU C 67 -4.28 -16.45 28.42
N ALA C 68 -4.83 -17.14 27.43
CA ALA C 68 -4.45 -17.00 26.00
C ALA C 68 -4.76 -15.57 25.52
N ILE C 69 -5.95 -15.06 25.85
CA ILE C 69 -6.44 -13.71 25.41
C ILE C 69 -5.58 -12.64 26.08
N GLU C 70 -5.26 -12.81 27.37
CA GLU C 70 -4.42 -11.87 28.15
C GLU C 70 -3.02 -11.82 27.53
N SER C 71 -2.48 -12.97 27.11
CA SER C 71 -1.11 -13.10 26.54
C SER C 71 -1.01 -12.27 25.25
N THR C 72 -2.00 -12.37 24.36
CA THR C 72 -2.01 -11.67 23.03
C THR C 72 -2.32 -10.18 23.23
N SER C 73 -3.21 -9.84 24.16
CA SER C 73 -3.55 -8.44 24.54
C SER C 73 -2.28 -7.71 24.99
N ASN C 74 -1.49 -8.33 25.87
CA ASN C 74 -0.21 -7.79 26.41
C ASN C 74 0.79 -7.59 25.28
N PHE C 75 0.88 -8.54 24.35
CA PHE C 75 1.81 -8.49 23.19
C PHE C 75 1.43 -7.33 22.26
N MET C 76 0.13 -7.15 22.00
CA MET C 76 -0.38 -6.18 20.97
C MET C 76 -0.40 -4.76 21.53
N TYR C 77 -0.37 -4.58 22.86
CA TYR C 77 -0.21 -3.27 23.54
C TYR C 77 1.28 -2.92 23.66
N SER C 78 2.18 -3.89 23.53
CA SER C 78 3.65 -3.74 23.64
C SER C 78 4.21 -3.12 22.35
N PHE C 79 5.51 -2.78 22.35
CA PHE C 79 6.22 -2.17 21.19
C PHE C 79 6.25 -3.21 20.06
N PRO C 80 5.95 -2.80 18.81
CA PRO C 80 5.73 -3.75 17.72
C PRO C 80 6.99 -4.49 17.25
N PHE C 81 6.81 -5.69 16.67
CA PHE C 81 7.83 -6.40 15.87
C PHE C 81 7.99 -5.68 14.54
N PRO C 82 9.20 -5.63 13.92
CA PRO C 82 10.35 -6.42 14.34
C PRO C 82 11.08 -5.85 15.55
N PRO C 83 11.52 -6.71 16.51
CA PRO C 83 12.15 -6.23 17.75
C PRO C 83 13.59 -5.72 17.54
N GLY C 84 14.00 -4.75 18.37
CA GLY C 84 15.33 -4.10 18.32
C GLY C 84 16.40 -4.91 19.05
N VAL C 85 17.45 -4.22 19.52
CA VAL C 85 18.64 -4.82 20.20
C VAL C 85 18.70 -4.36 21.67
N ASP C 86 17.69 -3.60 22.13
CA ASP C 86 17.60 -3.12 23.53
C ASP C 86 17.16 -4.29 24.44
N ALA C 87 17.42 -4.18 25.75
CA ALA C 87 17.19 -5.22 26.77
C ALA C 87 15.71 -5.62 26.81
N LYS C 88 14.80 -4.66 26.63
CA LYS C 88 13.32 -4.88 26.63
C LYS C 88 12.94 -5.65 25.36
N SER C 89 13.55 -5.30 24.22
CA SER C 89 13.32 -5.96 22.90
C SER C 89 13.86 -7.39 22.94
N MET C 90 15.02 -7.61 23.58
CA MET C 90 15.65 -8.96 23.73
CA MET C 90 15.65 -8.96 23.73
C MET C 90 14.74 -9.85 24.59
N GLU C 91 14.04 -9.26 25.56
CA GLU C 91 13.08 -9.96 26.46
C GLU C 91 11.85 -10.41 25.67
N ALA C 92 11.46 -9.66 24.63
CA ALA C 92 10.33 -9.96 23.74
C ALA C 92 10.70 -11.07 22.76
N ILE C 93 11.97 -11.15 22.34
CA ILE C 93 12.52 -12.23 21.46
C ILE C 93 12.53 -13.54 22.25
N THR C 94 13.02 -13.49 23.50
CA THR C 94 13.09 -14.65 24.44
C THR C 94 11.69 -15.22 24.68
N ALA C 95 10.68 -14.34 24.84
CA ALA C 95 9.26 -14.69 25.05
C ALA C 95 8.72 -15.43 23.82
N TYR C 96 8.98 -14.88 22.62
CA TYR C 96 8.59 -15.44 21.30
C TYR C 96 9.25 -16.82 21.12
N THR C 97 10.57 -16.90 21.33
CA THR C 97 11.38 -18.14 21.23
C THR C 97 10.91 -19.16 22.29
N GLY C 98 10.62 -18.68 23.51
CA GLY C 98 10.14 -19.50 24.64
C GLY C 98 8.77 -20.10 24.37
N ASN C 99 7.89 -19.34 23.71
CA ASN C 99 6.52 -19.77 23.34
C ASN C 99 6.60 -20.92 22.32
N LYS C 100 7.44 -20.77 21.29
CA LYS C 100 7.65 -21.80 20.22
C LYS C 100 8.21 -23.08 20.84
N GLY C 101 9.21 -22.94 21.74
CA GLY C 101 9.85 -24.05 22.46
C GLY C 101 8.86 -24.87 23.27
N LYS C 102 7.89 -24.21 23.91
CA LYS C 102 6.85 -24.85 24.77
C LYS C 102 5.84 -25.58 23.88
N VAL C 103 5.38 -24.95 22.78
CA VAL C 103 4.44 -25.58 21.80
C VAL C 103 5.14 -26.77 21.14
N ALA C 104 6.45 -26.68 20.87
CA ALA C 104 7.26 -27.77 20.30
C ALA C 104 7.25 -28.97 21.26
N ALA C 105 7.58 -28.73 22.53
CA ALA C 105 7.64 -29.74 23.63
C ALA C 105 6.26 -30.35 23.89
N PHE C 106 5.17 -29.59 23.63
CA PHE C 106 3.76 -30.03 23.76
C PHE C 106 3.52 -31.33 22.99
N ILE C 107 4.14 -31.47 21.81
CA ILE C 107 4.01 -32.66 20.91
C ILE C 107 5.35 -33.42 20.86
N ASN C 108 6.31 -33.05 21.71
CA ASN C 108 7.66 -33.66 21.81
C ASN C 108 8.40 -33.50 20.48
N ALA C 109 8.31 -32.31 19.89
CA ALA C 109 9.04 -31.91 18.66
C ALA C 109 10.13 -30.92 19.03
N LEU C 110 11.17 -30.81 18.18
CA LEU C 110 12.20 -29.74 18.25
C LEU C 110 11.59 -28.46 17.69
N PRO C 111 12.02 -27.27 18.18
CA PRO C 111 11.45 -26.00 17.73
C PRO C 111 11.57 -25.76 16.21
N ASP C 112 12.65 -26.24 15.58
CA ASP C 112 12.91 -26.10 14.12
C ASP C 112 12.14 -27.17 13.33
N GLU C 113 11.32 -28.00 13.99
CA GLU C 113 10.51 -29.07 13.37
C GLU C 113 9.02 -28.66 13.35
N ILE C 114 8.67 -27.47 13.85
CA ILE C 114 7.26 -26.97 13.84
C ILE C 114 7.21 -25.57 13.20
N THR C 115 6.07 -25.25 12.57
CA THR C 115 5.76 -23.92 11.99
C THR C 115 4.28 -23.61 12.22
N PHE C 116 3.95 -22.32 12.46
CA PHE C 116 2.58 -21.81 12.62
C PHE C 116 2.08 -21.30 11.26
N GLY C 117 0.83 -21.61 10.91
CA GLY C 117 0.20 -21.22 9.63
C GLY C 117 -1.23 -20.73 9.83
N GLN C 118 -1.85 -20.28 8.74
CA GLN C 118 -3.24 -19.75 8.69
C GLN C 118 -4.23 -20.77 9.27
N SER C 119 -4.04 -22.06 8.96
CA SER C 119 -4.97 -23.17 9.25
C SER C 119 -4.33 -24.49 8.81
N THR C 120 -4.89 -25.62 9.23
CA THR C 120 -4.48 -26.99 8.79
C THR C 120 -4.67 -27.10 7.27
N THR C 121 -5.82 -26.68 6.75
CA THR C 121 -6.17 -26.71 5.30
C THR C 121 -5.07 -26.02 4.49
N ALA C 122 -4.61 -24.84 4.92
CA ALA C 122 -3.55 -24.04 4.26
C ALA C 122 -2.21 -24.76 4.37
N LEU C 123 -1.81 -25.17 5.58
CA LEU C 123 -0.50 -25.81 5.87
C LEU C 123 -0.34 -27.10 5.06
N PHE C 124 -1.43 -27.87 4.87
CA PHE C 124 -1.43 -29.10 4.05
C PHE C 124 -1.22 -28.71 2.58
N ARG C 125 -1.83 -27.61 2.12
CA ARG C 125 -1.67 -27.13 0.73
C ARG C 125 -0.23 -26.67 0.50
N LEU C 126 0.33 -25.91 1.44
CA LEU C 126 1.74 -25.40 1.38
C LEU C 126 2.74 -26.56 1.47
N LEU C 127 2.42 -27.61 2.24
CA LEU C 127 3.26 -28.82 2.36
C LEU C 127 3.35 -29.52 1.00
N GLY C 128 2.21 -29.69 0.32
CA GLY C 128 2.13 -30.22 -1.05
C GLY C 128 3.03 -29.48 -2.02
N LEU C 129 3.07 -28.14 -1.95
CA LEU C 129 3.93 -27.28 -2.82
C LEU C 129 5.41 -27.55 -2.51
N SER C 130 5.75 -27.76 -1.24
CA SER C 130 7.12 -28.05 -0.76
C SER C 130 7.57 -29.45 -1.22
N LEU C 131 6.66 -30.43 -1.22
CA LEU C 131 6.93 -31.85 -1.58
C LEU C 131 6.96 -32.03 -3.10
N LYS C 132 6.16 -31.25 -3.83
CA LYS C 132 5.88 -31.46 -5.28
C LYS C 132 7.16 -31.55 -6.10
N PRO C 133 8.15 -30.63 -5.94
CA PRO C 133 9.33 -30.61 -6.81
C PRO C 133 10.09 -31.95 -6.90
N MET C 134 10.09 -32.75 -5.83
CA MET C 134 10.85 -34.03 -5.75
C MET C 134 9.91 -35.22 -5.97
N LEU C 135 8.72 -34.99 -6.52
CA LEU C 135 7.73 -36.05 -6.88
C LEU C 135 7.46 -35.97 -8.38
N ASN C 136 6.75 -36.97 -8.93
CA ASN C 136 6.44 -37.09 -10.37
C ASN C 136 5.26 -38.05 -10.55
N ASN C 137 4.84 -38.26 -11.80
CA ASN C 137 3.66 -39.11 -12.17
C ASN C 137 3.97 -40.60 -11.99
N ASP C 138 5.20 -40.97 -11.63
CA ASP C 138 5.58 -42.39 -11.34
C ASP C 138 5.40 -42.70 -9.85
N CYS C 139 5.28 -41.66 -9.00
N CYS C 139 5.28 -41.67 -9.00
CA CYS C 139 5.07 -41.77 -7.54
CA CYS C 139 5.10 -41.82 -7.53
C CYS C 139 3.61 -42.17 -7.26
C CYS C 139 3.62 -42.13 -7.24
N GLU C 140 3.33 -42.67 -6.05
CA GLU C 140 1.97 -43.11 -5.65
C GLU C 140 1.56 -42.42 -4.35
N ILE C 141 0.30 -41.97 -4.30
CA ILE C 141 -0.31 -41.28 -3.12
C ILE C 141 -1.51 -42.11 -2.66
N VAL C 142 -1.51 -42.49 -1.38
CA VAL C 142 -2.57 -43.29 -0.71
C VAL C 142 -3.27 -42.37 0.29
N CYS C 143 -4.57 -42.15 0.13
CA CYS C 143 -5.42 -41.30 1.01
C CYS C 143 -6.54 -42.12 1.63
N SER C 144 -6.79 -41.94 2.92
CA SER C 144 -7.94 -42.50 3.66
C SER C 144 -9.23 -41.83 3.17
N THR C 145 -10.30 -42.61 2.98
CA THR C 145 -11.66 -42.11 2.65
C THR C 145 -12.35 -41.57 3.92
N LEU C 146 -11.68 -41.62 5.08
CA LEU C 146 -12.18 -41.00 6.35
C LEU C 146 -11.63 -39.57 6.49
N CSD C 147 -10.79 -39.12 5.56
CA CSD C 147 -10.09 -37.82 5.63
CB CSD C 147 -9.02 -37.69 4.56
SG CSD C 147 -7.44 -38.37 5.17
C CSD C 147 -11.10 -36.66 5.55
O CSD C 147 -12.00 -36.72 4.68
OD1 CSD C 147 -6.49 -38.23 4.04
OD2 CSD C 147 -6.92 -37.44 6.36
N HIS C 148 -10.95 -35.68 6.42
CA HIS C 148 -11.54 -34.32 6.30
C HIS C 148 -11.14 -33.75 4.94
N GLU C 149 -11.96 -32.89 4.33
CA GLU C 149 -11.71 -32.37 2.96
C GLU C 149 -10.50 -31.42 2.98
N ALA C 150 -10.13 -30.87 4.15
CA ALA C 150 -8.87 -30.12 4.38
C ALA C 150 -7.68 -30.94 3.87
N ALA C 151 -7.64 -32.24 4.17
CA ALA C 151 -6.60 -33.19 3.73
C ALA C 151 -6.85 -33.56 2.26
N ALA C 152 -8.05 -34.07 1.97
CA ALA C 152 -8.47 -34.59 0.65
C ALA C 152 -8.20 -33.55 -0.44
N SER C 153 -8.65 -32.30 -0.25
CA SER C 153 -8.46 -31.18 -1.22
C SER C 153 -6.98 -31.00 -1.52
N ALA C 154 -6.13 -30.97 -0.49
CA ALA C 154 -4.67 -30.77 -0.61
C ALA C 154 -4.07 -31.84 -1.52
N TRP C 155 -4.36 -33.12 -1.24
CA TRP C 155 -3.70 -34.28 -1.92
C TRP C 155 -4.37 -34.56 -3.27
N ILE C 156 -5.62 -34.12 -3.47
CA ILE C 156 -6.29 -34.13 -4.81
C ILE C 156 -5.60 -33.09 -5.70
N HIS C 157 -5.36 -31.89 -5.17
N HIS C 157 -5.36 -31.89 -5.17
CA HIS C 157 -4.73 -30.74 -5.88
CA HIS C 157 -4.74 -30.75 -5.89
C HIS C 157 -3.28 -31.09 -6.25
C HIS C 157 -3.28 -31.09 -6.25
N LEU C 158 -2.52 -31.67 -5.31
CA LEU C 158 -1.12 -32.10 -5.53
C LEU C 158 -1.10 -33.18 -6.62
N SER C 159 -1.99 -34.16 -6.51
CA SER C 159 -2.16 -35.30 -7.46
C SER C 159 -2.40 -34.78 -8.88
N ARG C 160 -3.37 -33.88 -9.04
CA ARG C 160 -3.76 -33.29 -10.35
C ARG C 160 -2.56 -32.54 -10.96
N GLU C 161 -1.76 -31.84 -10.14
CA GLU C 161 -0.59 -31.06 -10.60
C GLU C 161 0.52 -32.00 -11.08
N LEU C 162 0.68 -33.15 -10.43
CA LEU C 162 1.73 -34.16 -10.75
C LEU C 162 1.25 -35.11 -11.85
N GLY C 163 -0.05 -35.16 -12.14
CA GLY C 163 -0.65 -36.14 -13.07
C GLY C 163 -0.79 -37.51 -12.43
N ILE C 164 -1.04 -37.54 -11.12
CA ILE C 164 -1.21 -38.76 -10.28
C ILE C 164 -2.72 -39.02 -10.09
N THR C 165 -3.11 -40.28 -10.01
CA THR C 165 -4.44 -40.76 -9.57
C THR C 165 -4.26 -41.38 -8.18
N ILE C 166 -5.03 -40.90 -7.20
CA ILE C 166 -4.90 -41.33 -5.78
C ILE C 166 -5.37 -42.79 -5.66
N LYS C 167 -4.60 -43.60 -4.93
CA LYS C 167 -5.00 -44.96 -4.48
C LYS C 167 -5.71 -44.80 -3.13
N TRP C 168 -7.04 -44.72 -3.15
CA TRP C 168 -7.87 -44.40 -1.96
C TRP C 168 -7.88 -45.60 -1.00
N TRP C 169 -7.71 -45.32 0.29
CA TRP C 169 -7.60 -46.31 1.40
C TRP C 169 -8.94 -46.32 2.15
N SER C 170 -9.75 -47.37 1.95
CA SER C 170 -11.08 -47.55 2.56
C SER C 170 -10.92 -48.13 3.96
N PRO C 171 -11.72 -47.66 4.95
CA PRO C 171 -11.68 -48.25 6.29
C PRO C 171 -12.42 -49.60 6.28
N THR C 172 -12.26 -50.38 7.35
CA THR C 172 -12.87 -51.71 7.56
C THR C 172 -14.02 -51.58 8.57
N THR C 173 -15.13 -52.29 8.31
CA THR C 173 -16.24 -52.53 9.28
C THR C 173 -16.29 -54.03 9.57
N THR C 174 -16.76 -54.41 10.76
CA THR C 174 -17.01 -55.82 11.17
C THR C 174 -18.50 -56.11 11.04
N PRO C 175 -18.90 -57.37 10.79
CA PRO C 175 -20.32 -57.74 10.73
C PRO C 175 -21.12 -57.38 11.99
N ASN C 176 -20.47 -57.40 13.16
CA ASN C 176 -21.10 -57.08 14.48
C ASN C 176 -21.30 -55.57 14.63
N SER C 177 -20.46 -54.75 13.98
CA SER C 177 -20.44 -53.27 14.10
C SER C 177 -20.37 -52.61 12.71
N PRO C 178 -21.48 -52.61 11.93
CA PRO C 178 -21.47 -52.09 10.56
C PRO C 178 -21.29 -50.57 10.42
N ASP C 179 -21.62 -49.79 11.45
CA ASP C 179 -21.56 -48.31 11.47
C ASP C 179 -20.30 -47.83 12.22
N ASP C 180 -19.31 -48.72 12.38
CA ASP C 180 -18.09 -48.50 13.19
C ASP C 180 -16.86 -48.67 12.30
N PRO C 181 -16.56 -47.68 11.41
CA PRO C 181 -15.45 -47.80 10.47
C PRO C 181 -14.10 -47.56 11.16
N VAL C 182 -13.11 -48.41 10.84
CA VAL C 182 -11.74 -48.35 11.45
C VAL C 182 -10.70 -48.47 10.34
N LEU C 183 -9.56 -47.82 10.52
CA LEU C 183 -8.41 -47.87 9.60
C LEU C 183 -7.50 -48.99 10.09
N THR C 184 -7.28 -50.01 9.24
CA THR C 184 -6.41 -51.18 9.55
C THR C 184 -5.14 -51.09 8.70
N THR C 185 -4.03 -51.57 9.27
CA THR C 185 -2.76 -51.87 8.56
C THR C 185 -3.01 -52.95 7.50
N ASP C 186 -3.96 -53.86 7.76
CA ASP C 186 -4.31 -55.00 6.88
C ASP C 186 -4.82 -54.46 5.53
N SER C 187 -5.60 -53.38 5.54
CA SER C 187 -6.23 -52.76 4.33
C SER C 187 -5.25 -51.81 3.63
N LEU C 188 -4.26 -51.27 4.35
CA LEU C 188 -3.23 -50.35 3.81
C LEU C 188 -2.24 -51.14 2.93
N LYS C 189 -1.74 -52.26 3.44
CA LYS C 189 -0.54 -52.96 2.89
C LYS C 189 -0.71 -53.31 1.41
N PRO C 190 -1.87 -53.83 0.96
CA PRO C 190 -2.07 -54.13 -0.47
C PRO C 190 -1.94 -52.90 -1.39
N LEU C 191 -2.29 -51.71 -0.92
CA LEU C 191 -2.21 -50.44 -1.70
C LEU C 191 -0.76 -49.96 -1.77
N LEU C 192 0.12 -50.46 -0.91
CA LEU C 192 1.55 -50.05 -0.88
C LEU C 192 2.31 -50.74 -2.03
N SER C 193 3.27 -50.02 -2.58
CA SER C 193 4.21 -50.50 -3.63
C SER C 193 5.55 -49.83 -3.38
N PRO C 194 6.65 -50.29 -4.04
CA PRO C 194 7.94 -49.61 -3.96
C PRO C 194 7.89 -48.13 -4.41
N LYS C 195 6.85 -47.74 -5.15
CA LYS C 195 6.69 -46.36 -5.69
C LYS C 195 5.79 -45.50 -4.79
N THR C 196 5.23 -46.06 -3.71
CA THR C 196 4.47 -45.30 -2.67
C THR C 196 5.39 -44.20 -2.11
N ARG C 197 4.91 -42.96 -2.09
CA ARG C 197 5.67 -41.79 -1.57
C ARG C 197 4.87 -41.03 -0.50
N LEU C 198 3.55 -40.92 -0.64
CA LEU C 198 2.65 -40.27 0.35
C LEU C 198 1.55 -41.25 0.79
N VAL C 199 1.43 -41.46 2.11
CA VAL C 199 0.22 -42.04 2.76
C VAL C 199 -0.35 -40.96 3.69
N THR C 200 -1.66 -40.70 3.60
CA THR C 200 -2.36 -39.63 4.35
C THR C 200 -3.57 -40.22 5.09
N CYS C 201 -3.76 -39.85 6.35
CA CYS C 201 -4.92 -40.27 7.19
C CYS C 201 -5.06 -39.30 8.37
N ASN C 202 -6.10 -39.49 9.19
CA ASN C 202 -6.33 -38.68 10.42
C ASN C 202 -6.11 -39.58 11.64
N HIS C 203 -5.58 -39.01 12.72
CA HIS C 203 -5.49 -39.64 14.06
C HIS C 203 -6.92 -39.96 14.54
N VAL C 204 -7.84 -39.01 14.34
CA VAL C 204 -9.29 -39.13 14.64
C VAL C 204 -10.08 -38.43 13.53
N SER C 205 -11.14 -39.06 13.01
CA SER C 205 -12.14 -38.44 12.11
C SER C 205 -13.13 -37.60 12.94
N ASN C 206 -13.40 -36.38 12.50
CA ASN C 206 -14.27 -35.40 13.19
C ASN C 206 -15.74 -35.81 13.10
N VAL C 207 -16.08 -36.86 12.35
CA VAL C 207 -17.48 -37.36 12.19
C VAL C 207 -17.61 -38.79 12.73
N VAL C 208 -16.60 -39.33 13.40
CA VAL C 208 -16.59 -40.74 13.91
C VAL C 208 -16.16 -40.76 15.37
N GLY C 209 -14.97 -40.23 15.68
CA GLY C 209 -14.44 -40.13 17.04
C GLY C 209 -13.52 -41.28 17.41
N THR C 210 -13.35 -42.27 16.54
CA THR C 210 -12.51 -43.47 16.78
C THR C 210 -11.02 -43.08 16.65
N ILE C 211 -10.20 -43.54 17.59
CA ILE C 211 -8.72 -43.31 17.58
C ILE C 211 -8.09 -44.34 16.63
N HIS C 212 -7.27 -43.87 15.68
CA HIS C 212 -6.61 -44.71 14.66
C HIS C 212 -5.25 -45.15 15.17
N PRO C 213 -4.74 -46.33 14.74
CA PRO C 213 -3.44 -46.83 15.18
C PRO C 213 -2.29 -46.24 14.35
N ILE C 214 -1.93 -44.98 14.62
CA ILE C 214 -1.00 -44.17 13.78
C ILE C 214 0.42 -44.75 13.87
N ARG C 215 0.86 -45.17 15.06
CA ARG C 215 2.21 -45.78 15.27
C ARG C 215 2.36 -47.01 14.37
N GLU C 216 1.36 -47.91 14.38
CA GLU C 216 1.37 -49.19 13.62
C GLU C 216 1.27 -48.89 12.11
N ILE C 217 0.50 -47.87 11.73
CA ILE C 217 0.38 -47.40 10.31
C ILE C 217 1.74 -46.90 9.82
N ALA C 218 2.42 -46.08 10.63
CA ALA C 218 3.76 -45.51 10.35
C ALA C 218 4.79 -46.63 10.13
N ASP C 219 4.79 -47.65 10.99
CA ASP C 219 5.67 -48.85 10.88
C ASP C 219 5.52 -49.48 9.49
N VAL C 220 4.26 -49.64 9.03
CA VAL C 220 3.93 -50.30 7.73
C VAL C 220 4.35 -49.37 6.58
N VAL C 221 4.11 -48.06 6.69
CA VAL C 221 4.48 -47.08 5.62
C VAL C 221 6.00 -47.08 5.45
N HIS C 222 6.75 -47.15 6.55
CA HIS C 222 8.24 -46.99 6.56
C HIS C 222 8.94 -48.28 6.12
N THR C 223 8.20 -49.36 5.82
CA THR C 223 8.74 -50.56 5.12
C THR C 223 9.07 -50.19 3.67
N ILE C 224 8.40 -49.16 3.13
CA ILE C 224 8.69 -48.59 1.79
C ILE C 224 9.66 -47.42 1.95
N PRO C 225 10.95 -47.61 1.63
CA PRO C 225 11.92 -46.52 1.68
C PRO C 225 11.53 -45.37 0.73
N GLY C 226 11.63 -44.13 1.21
CA GLY C 226 11.19 -42.92 0.50
C GLY C 226 9.77 -42.50 0.84
N ALA C 227 8.95 -43.41 1.37
CA ALA C 227 7.52 -43.18 1.71
C ALA C 227 7.41 -42.36 3.00
N MET C 228 6.52 -41.35 3.00
CA MET C 228 6.28 -40.48 4.17
C MET C 228 4.80 -40.57 4.55
N LEU C 229 4.51 -40.54 5.85
CA LEU C 229 3.14 -40.55 6.42
C LEU C 229 2.79 -39.13 6.89
N ILE C 230 1.65 -38.62 6.44
CA ILE C 230 1.10 -37.27 6.79
C ILE C 230 -0.19 -37.49 7.59
N VAL C 231 -0.23 -37.02 8.84
CA VAL C 231 -1.38 -37.26 9.77
C VAL C 231 -2.03 -35.93 10.16
N ASP C 232 -3.33 -35.83 9.90
CA ASP C 232 -4.25 -34.77 10.42
C ASP C 232 -4.66 -35.15 11.85
N GLY C 233 -4.13 -34.43 12.84
CA GLY C 233 -4.45 -34.64 14.27
C GLY C 233 -5.29 -33.52 14.85
N VAL C 234 -6.21 -32.94 14.06
CA VAL C 234 -7.06 -31.80 14.50
C VAL C 234 -8.07 -32.28 15.55
N ALA C 235 -8.56 -33.53 15.43
CA ALA C 235 -9.61 -34.12 16.29
C ALA C 235 -9.01 -35.04 17.36
N SER C 236 -7.69 -35.07 17.52
CA SER C 236 -6.97 -35.89 18.53
C SER C 236 -6.30 -35.00 19.60
N VAL C 237 -5.59 -33.95 19.17
CA VAL C 237 -4.68 -33.14 20.03
C VAL C 237 -5.46 -32.46 21.17
N PRO C 238 -6.72 -32.00 20.96
CA PRO C 238 -7.53 -31.47 22.07
C PRO C 238 -7.89 -32.49 23.16
N HIS C 239 -7.94 -33.78 22.84
CA HIS C 239 -8.55 -34.85 23.67
C HIS C 239 -7.49 -35.75 24.32
N ARG C 240 -6.30 -35.90 23.71
CA ARG C 240 -5.26 -36.87 24.14
C ARG C 240 -3.88 -36.23 24.02
N PRO C 241 -2.92 -36.61 24.91
CA PRO C 241 -1.53 -36.20 24.75
C PRO C 241 -0.95 -36.88 23.50
N VAL C 242 -0.08 -36.17 22.78
CA VAL C 242 0.54 -36.66 21.51
C VAL C 242 2.06 -36.49 21.60
N ASP C 243 2.80 -37.52 21.17
CA ASP C 243 4.28 -37.57 21.08
C ASP C 243 4.62 -38.04 19.66
N VAL C 244 5.04 -37.11 18.79
CA VAL C 244 5.26 -37.35 17.34
C VAL C 244 6.46 -38.29 17.13
N LYS C 245 7.38 -38.36 18.09
CA LYS C 245 8.55 -39.28 18.05
C LYS C 245 8.09 -40.70 18.39
N GLU C 246 7.13 -40.85 19.32
CA GLU C 246 6.55 -42.16 19.69
C GLU C 246 5.70 -42.70 18.53
N LEU C 247 4.97 -41.82 17.83
CA LEU C 247 4.18 -42.17 16.63
C LEU C 247 5.13 -42.43 15.45
N ASP C 248 6.28 -41.76 15.43
CA ASP C 248 7.30 -41.84 14.35
C ASP C 248 6.70 -41.32 13.05
N VAL C 249 5.85 -40.29 13.13
CA VAL C 249 5.19 -39.66 11.94
C VAL C 249 6.18 -38.73 11.25
N ASP C 250 6.11 -38.64 9.92
CA ASP C 250 6.90 -37.67 9.11
C ASP C 250 6.31 -36.28 9.29
N PHE C 251 4.98 -36.18 9.28
CA PHE C 251 4.22 -34.91 9.30
C PHE C 251 2.95 -35.09 10.16
N TYR C 252 2.69 -34.11 11.04
CA TYR C 252 1.51 -34.05 11.94
C TYR C 252 1.03 -32.60 12.00
N CYS C 253 -0.26 -32.37 11.78
CA CYS C 253 -0.88 -31.01 11.75
C CYS C 253 -2.08 -30.97 12.72
N PHE C 254 -2.29 -29.84 13.38
CA PHE C 254 -3.44 -29.59 14.28
C PHE C 254 -3.80 -28.10 14.28
N SER C 255 -5.03 -27.79 14.72
CA SER C 255 -5.67 -26.45 14.70
C SER C 255 -6.03 -26.04 16.13
N TRP C 256 -5.59 -24.84 16.54
CA TRP C 256 -5.62 -24.36 17.94
C TRP C 256 -7.05 -23.98 18.38
N TYR C 257 -7.94 -23.63 17.44
CA TYR C 257 -9.33 -23.17 17.76
C TYR C 257 -10.21 -24.35 18.20
N1 LLP C 258 -9.42 -31.77 9.92
C2 LLP C 258 -10.20 -32.16 10.92
C2' LLP C 258 -10.14 -33.59 11.35
C3 LLP C 258 -11.06 -31.26 11.55
O3 LLP C 258 -11.84 -31.70 12.57
C4 LLP C 258 -11.11 -29.91 11.13
C4' LLP C 258 -12.00 -28.96 11.81
C5 LLP C 258 -10.26 -29.53 10.06
C6 LLP C 258 -9.45 -30.49 9.50
C5' LLP C 258 -10.21 -28.14 9.52
OP4 LLP C 258 -8.98 -27.47 9.93
P LLP C 258 -8.72 -25.92 9.57
OP1 LLP C 258 -7.66 -25.44 10.54
OP2 LLP C 258 -10.06 -25.23 9.75
OP3 LLP C 258 -8.26 -25.91 8.13
N LLP C 258 -9.73 -25.59 18.06
CA LLP C 258 -10.37 -26.79 18.67
CB LLP C 258 -10.46 -27.89 17.59
CG LLP C 258 -11.21 -27.46 16.33
CD LLP C 258 -11.42 -28.54 15.28
CE LLP C 258 -12.02 -28.00 13.99
NZ LLP C 258 -12.33 -29.08 13.04
C LLP C 258 -9.61 -27.15 19.95
O LLP C 258 -10.07 -28.09 20.65
N LEU C 259 -8.59 -26.36 20.30
CA LEU C 259 -7.65 -26.56 21.45
C LEU C 259 -7.70 -25.36 22.40
N PHE C 260 -8.87 -24.76 22.62
CA PHE C 260 -9.07 -23.64 23.58
C PHE C 260 -8.22 -22.44 23.16
N GLY C 261 -7.98 -22.29 21.86
CA GLY C 261 -7.00 -21.33 21.30
C GLY C 261 -7.54 -20.61 20.08
N PRO C 262 -6.67 -19.85 19.37
CA PRO C 262 -7.08 -19.08 18.19
C PRO C 262 -7.20 -19.92 16.91
N HIS C 263 -7.85 -19.38 15.88
CA HIS C 263 -7.92 -19.98 14.52
C HIS C 263 -6.52 -19.90 13.89
N LEU C 264 -5.71 -20.93 14.14
CA LEU C 264 -4.26 -20.98 13.81
C LEU C 264 -3.85 -22.45 13.70
N GLY C 265 -3.11 -22.80 12.64
CA GLY C 265 -2.56 -24.15 12.44
C GLY C 265 -1.15 -24.26 13.00
N THR C 266 -0.74 -25.48 13.35
CA THR C 266 0.68 -25.85 13.60
C THR C 266 0.96 -27.17 12.87
N LEU C 267 2.00 -27.18 12.03
CA LEU C 267 2.48 -28.35 11.27
C LEU C 267 3.82 -28.79 11.87
N TYR C 268 3.97 -30.09 12.12
CA TYR C 268 5.24 -30.75 12.48
C TYR C 268 5.78 -31.47 11.24
N ALA C 269 7.08 -31.32 10.98
CA ALA C 269 7.83 -32.07 9.96
C ALA C 269 9.13 -32.58 10.60
N SER C 270 9.36 -33.90 10.57
CA SER C 270 10.60 -34.55 11.07
C SER C 270 11.81 -33.99 10.33
N ARG C 271 12.98 -34.02 10.96
CA ARG C 271 14.26 -33.53 10.39
C ARG C 271 14.56 -34.29 9.09
N LYS C 272 14.43 -35.62 9.10
CA LYS C 272 14.64 -36.51 7.92
C LYS C 272 13.74 -36.06 6.76
N ALA C 273 12.45 -35.89 7.03
CA ALA C 273 11.42 -35.49 6.03
C ALA C 273 11.75 -34.12 5.44
N GLN C 274 12.18 -33.18 6.29
CA GLN C 274 12.60 -31.81 5.88
C GLN C 274 13.82 -31.92 4.94
N ASP C 275 14.84 -32.68 5.34
CA ASP C 275 16.15 -32.72 4.66
C ASP C 275 16.03 -33.46 3.32
N ARG C 276 15.19 -34.50 3.24
CA ARG C 276 15.15 -35.45 2.09
C ARG C 276 13.99 -35.17 1.14
N TYR C 277 12.83 -34.72 1.63
CA TYR C 277 11.56 -34.66 0.83
C TYR C 277 11.13 -33.22 0.54
N MET C 278 11.55 -32.22 1.33
CA MET C 278 10.97 -30.86 1.30
C MET C 278 11.89 -29.88 0.55
N THR C 279 11.28 -29.06 -0.31
CA THR C 279 11.91 -27.90 -1.00
C THR C 279 11.26 -26.63 -0.46
N SER C 280 12.05 -25.60 -0.20
CA SER C 280 11.58 -24.27 0.27
C SER C 280 10.59 -23.69 -0.75
N ILE C 281 9.51 -23.08 -0.27
CA ILE C 281 8.55 -22.28 -1.10
C ILE C 281 8.68 -20.80 -0.72
N ASN C 282 9.73 -20.44 0.03
CA ASN C 282 9.98 -19.09 0.57
C ASN C 282 10.92 -18.34 -0.39
N HIS C 283 11.26 -17.09 -0.09
CA HIS C 283 12.19 -16.25 -0.91
C HIS C 283 13.55 -16.94 -1.01
N TYR C 284 14.27 -16.72 -2.12
CA TYR C 284 15.58 -17.34 -2.42
C TYR C 284 16.60 -17.00 -1.32
N PHE C 285 16.48 -15.82 -0.70
CA PHE C 285 17.45 -15.27 0.30
C PHE C 285 17.15 -15.79 1.72
N VAL C 286 15.97 -16.42 1.94
CA VAL C 286 15.56 -16.99 3.26
C VAL C 286 16.16 -18.40 3.40
N SER C 287 16.92 -18.65 4.45
CA SER C 287 17.53 -19.97 4.77
C SER C 287 16.42 -21.00 4.99
N SER C 288 16.59 -22.21 4.44
CA SER C 288 15.54 -23.26 4.33
C SER C 288 15.80 -24.41 5.31
N SER C 289 16.65 -24.22 6.32
CA SER C 289 17.04 -25.27 7.31
C SER C 289 15.85 -25.60 8.22
N SER C 290 15.20 -24.60 8.80
CA SER C 290 14.02 -24.75 9.69
C SER C 290 12.75 -24.94 8.84
N LEU C 291 11.67 -25.43 9.45
CA LEU C 291 10.35 -25.58 8.79
C LEU C 291 9.77 -24.19 8.51
N ASP C 292 10.00 -23.23 9.42
CA ASP C 292 9.64 -21.80 9.23
C ASP C 292 10.25 -21.30 7.92
N GLY C 293 11.57 -21.51 7.76
CA GLY C 293 12.34 -21.10 6.57
C GLY C 293 11.74 -21.62 5.27
N LYS C 294 11.14 -22.81 5.29
CA LYS C 294 10.63 -23.51 4.08
C LYS C 294 9.20 -23.03 3.75
N LEU C 295 8.33 -22.86 4.76
CA LEU C 295 6.85 -22.79 4.56
C LEU C 295 6.27 -21.42 4.95
N ALA C 296 7.03 -20.54 5.61
CA ALA C 296 6.53 -19.23 6.11
C ALA C 296 6.35 -18.28 4.92
N LEU C 297 5.10 -17.90 4.63
CA LEU C 297 4.75 -16.93 3.56
C LEU C 297 4.43 -15.58 4.22
N GLY C 298 5.39 -14.66 4.19
CA GLY C 298 5.27 -13.31 4.77
C GLY C 298 5.47 -13.34 6.27
N MET C 299 5.12 -12.23 6.95
CA MET C 299 5.34 -12.06 8.40
C MET C 299 4.39 -12.98 9.17
N PRO C 300 4.89 -13.79 10.14
CA PRO C 300 4.03 -14.63 10.97
C PRO C 300 3.09 -13.80 11.87
N SER C 301 1.94 -14.38 12.23
CA SER C 301 0.96 -13.78 13.17
C SER C 301 1.43 -14.03 14.61
N PHE C 302 2.42 -13.26 15.07
CA PHE C 302 3.05 -13.40 16.42
C PHE C 302 1.97 -13.33 17.50
N GLU C 303 0.98 -12.43 17.33
CA GLU C 303 -0.12 -12.17 18.30
C GLU C 303 -0.88 -13.49 18.57
N LEU C 304 -1.18 -14.27 17.53
CA LEU C 304 -1.95 -15.54 17.67
C LEU C 304 -1.05 -16.65 18.25
N GLN C 305 0.24 -16.67 17.86
CA GLN C 305 1.22 -17.70 18.31
C GLN C 305 1.35 -17.65 19.84
N LEU C 306 1.54 -16.46 20.40
CA LEU C 306 1.83 -16.25 21.84
C LEU C 306 0.59 -16.53 22.70
N MET C 307 -0.53 -16.93 22.08
CA MET C 307 -1.74 -17.44 22.78
C MET C 307 -1.57 -18.92 23.14
N CYS C 308 -0.56 -19.61 22.60
CA CYS C 308 -0.51 -21.10 22.51
C CYS C 308 0.22 -21.70 23.71
N SER C 309 1.32 -21.08 24.19
CA SER C 309 2.13 -21.60 25.33
C SER C 309 1.31 -21.60 26.63
N PRO C 310 0.48 -20.57 26.92
CA PRO C 310 -0.41 -20.62 28.08
C PRO C 310 -1.35 -21.85 28.03
N ILE C 311 -1.81 -22.22 26.84
CA ILE C 311 -2.73 -23.38 26.62
C ILE C 311 -1.96 -24.67 26.94
N VAL C 312 -0.68 -24.75 26.54
CA VAL C 312 0.22 -25.91 26.82
C VAL C 312 0.29 -26.12 28.34
N SER C 313 0.68 -25.08 29.09
CA SER C 313 0.83 -25.11 30.57
C SER C 313 -0.50 -25.45 31.23
N TYR C 314 -1.61 -24.86 30.77
CA TYR C 314 -2.97 -25.10 31.32
C TYR C 314 -3.32 -26.60 31.21
N LEU C 315 -3.21 -27.18 30.02
CA LEU C 315 -3.60 -28.60 29.76
C LEU C 315 -2.66 -29.56 30.51
N GLN C 316 -1.35 -29.30 30.47
CA GLN C 316 -0.31 -30.25 30.97
C GLN C 316 -0.16 -30.16 32.50
N ASP C 317 -0.17 -28.94 33.05
CA ASP C 317 0.22 -28.66 34.46
C ASP C 317 -0.98 -28.24 35.31
N THR C 318 -1.86 -27.36 34.82
CA THR C 318 -3.00 -26.78 35.60
C THR C 318 -4.07 -27.85 35.85
N VAL C 319 -4.53 -28.54 34.79
CA VAL C 319 -5.60 -29.58 34.90
C VAL C 319 -4.98 -30.98 34.74
N GLY C 320 -4.15 -31.19 33.71
CA GLY C 320 -3.44 -32.47 33.47
C GLY C 320 -4.28 -33.44 32.63
N TRP C 321 -3.61 -34.25 31.80
CA TRP C 321 -4.24 -35.19 30.83
C TRP C 321 -4.95 -36.32 31.57
N ASP C 322 -4.47 -36.72 32.74
CA ASP C 322 -5.10 -37.78 33.58
C ASP C 322 -6.56 -37.42 33.84
N ARG C 323 -6.82 -36.18 34.28
CA ARG C 323 -8.17 -35.70 34.67
C ARG C 323 -8.98 -35.33 33.42
N ILE C 324 -8.34 -34.73 32.41
CA ILE C 324 -8.97 -34.34 31.11
C ILE C 324 -9.63 -35.57 30.48
N VAL C 325 -8.85 -36.64 30.25
CA VAL C 325 -9.30 -37.90 29.59
C VAL C 325 -10.41 -38.54 30.43
N ARG C 326 -10.18 -38.68 31.74
CA ARG C 326 -11.13 -39.34 32.68
C ARG C 326 -12.45 -38.58 32.69
N GLN C 327 -12.41 -37.25 32.77
CA GLN C 327 -13.63 -36.38 32.72
C GLN C 327 -14.37 -36.64 31.41
N GLU C 328 -13.67 -36.55 30.28
CA GLU C 328 -14.24 -36.69 28.91
C GLU C 328 -14.82 -38.10 28.75
N THR C 329 -14.20 -39.12 29.37
CA THR C 329 -14.67 -40.53 29.34
C THR C 329 -16.02 -40.64 30.07
N VAL C 330 -16.15 -40.00 31.24
CA VAL C 330 -17.42 -40.01 32.03
C VAL C 330 -18.53 -39.36 31.18
N LEU C 331 -18.20 -38.30 30.43
CA LEU C 331 -19.17 -37.53 29.60
C LEU C 331 -19.72 -38.42 28.48
N VAL C 332 -18.85 -39.11 27.74
CA VAL C 332 -19.26 -40.01 26.62
C VAL C 332 -20.01 -41.22 27.17
N THR C 333 -19.62 -41.74 28.34
CA THR C 333 -20.29 -42.89 29.00
C THR C 333 -21.77 -42.56 29.17
N ILE C 334 -22.08 -41.38 29.73
CA ILE C 334 -23.47 -40.94 30.05
C ILE C 334 -24.27 -40.77 28.75
N LEU C 335 -23.68 -40.13 27.73
CA LEU C 335 -24.34 -39.87 26.43
C LEU C 335 -24.63 -41.20 25.71
N LEU C 336 -23.62 -42.06 25.57
CA LEU C 336 -23.74 -43.38 24.91
C LEU C 336 -24.74 -44.25 25.67
N GLU C 337 -24.69 -44.22 27.01
CA GLU C 337 -25.61 -44.99 27.88
C GLU C 337 -27.06 -44.70 27.47
N TYR C 338 -27.40 -43.44 27.24
CA TYR C 338 -28.76 -42.99 26.83
C TYR C 338 -29.04 -43.43 25.38
N LEU C 339 -28.17 -43.07 24.45
CA LEU C 339 -28.36 -43.29 22.99
C LEU C 339 -28.49 -44.80 22.70
N LEU C 340 -27.66 -45.63 23.34
CA LEU C 340 -27.63 -47.10 23.10
C LEU C 340 -28.72 -47.82 23.90
N SER C 341 -29.40 -47.13 24.84
CA SER C 341 -30.56 -47.67 25.60
C SER C 341 -31.79 -47.75 24.67
N LYS C 342 -31.83 -46.96 23.60
CA LYS C 342 -32.97 -46.90 22.63
C LYS C 342 -32.45 -47.14 21.21
N PRO C 343 -32.12 -48.41 20.85
CA PRO C 343 -31.55 -48.73 19.54
C PRO C 343 -32.53 -48.55 18.37
N SER C 344 -33.84 -48.57 18.63
CA SER C 344 -34.92 -48.38 17.64
C SER C 344 -35.05 -46.91 17.26
N VAL C 345 -34.52 -46.01 18.10
CA VAL C 345 -34.66 -44.53 17.97
C VAL C 345 -33.33 -43.92 17.49
N TYR C 346 -32.20 -44.34 18.07
CA TYR C 346 -30.85 -43.79 17.79
C TYR C 346 -29.98 -44.84 17.10
N ARG C 347 -29.46 -44.49 15.92
CA ARG C 347 -28.39 -45.21 15.19
C ARG C 347 -27.08 -44.47 15.44
N VAL C 348 -26.21 -45.04 16.28
CA VAL C 348 -24.92 -44.43 16.72
C VAL C 348 -23.82 -44.91 15.76
N PHE C 349 -23.06 -43.97 15.19
CA PHE C 349 -21.85 -44.24 14.35
C PHE C 349 -20.62 -44.28 15.25
N GLY C 350 -19.54 -44.89 14.75
CA GLY C 350 -18.26 -45.01 15.46
C GLY C 350 -18.29 -46.10 16.51
N ARG C 351 -17.41 -45.98 17.51
CA ARG C 351 -17.19 -47.01 18.55
C ARG C 351 -18.27 -46.86 19.63
N ARG C 352 -19.15 -47.85 19.76
CA ARG C 352 -20.31 -47.84 20.69
C ARG C 352 -19.85 -48.30 22.08
N ASN C 353 -18.81 -47.67 22.59
CA ASN C 353 -18.32 -47.79 24.00
C ASN C 353 -17.52 -46.52 24.32
N SER C 354 -17.13 -46.33 25.58
CA SER C 354 -16.51 -45.11 26.11
C SER C 354 -15.00 -45.30 26.32
N ASP C 355 -14.45 -46.44 25.92
CA ASP C 355 -13.02 -46.81 26.17
C ASP C 355 -12.15 -45.67 25.65
N PRO C 356 -11.36 -45.00 26.53
CA PRO C 356 -10.52 -43.87 26.10
C PRO C 356 -9.45 -44.24 25.06
N SER C 357 -8.99 -45.50 25.07
CA SER C 357 -7.98 -46.05 24.13
C SER C 357 -8.58 -46.24 22.72
N GLN C 358 -9.91 -46.38 22.63
CA GLN C 358 -10.64 -46.71 21.37
C GLN C 358 -11.24 -45.44 20.74
N ARG C 359 -11.80 -44.53 21.54
CA ARG C 359 -12.55 -43.35 21.02
C ARG C 359 -12.36 -42.13 21.93
N VAL C 360 -12.47 -40.93 21.35
CA VAL C 360 -12.46 -39.61 22.05
C VAL C 360 -13.90 -39.09 22.13
N ALA C 361 -14.09 -37.93 22.77
CA ALA C 361 -15.42 -37.38 23.14
C ALA C 361 -16.06 -36.66 21.96
N ILE C 362 -16.09 -37.31 20.79
CA ILE C 362 -16.82 -36.86 19.58
C ILE C 362 -17.80 -37.97 19.18
N VAL C 363 -19.09 -37.74 19.40
CA VAL C 363 -20.16 -38.76 19.19
C VAL C 363 -21.07 -38.28 18.04
N THR C 364 -21.15 -39.07 16.96
CA THR C 364 -22.09 -38.86 15.83
C THR C 364 -23.16 -39.95 15.86
N PHE C 365 -24.40 -39.57 15.52
CA PHE C 365 -25.57 -40.47 15.44
C PHE C 365 -26.60 -39.85 14.49
N GLU C 366 -27.64 -40.60 14.15
CA GLU C 366 -28.88 -40.04 13.54
C GLU C 366 -30.09 -40.61 14.28
N VAL C 367 -31.20 -39.86 14.26
CA VAL C 367 -32.51 -40.27 14.82
C VAL C 367 -33.29 -40.95 13.69
N VAL C 368 -33.62 -42.24 13.86
CA VAL C 368 -34.29 -43.08 12.82
C VAL C 368 -35.60 -42.39 12.43
N GLY C 369 -35.77 -42.09 11.13
CA GLY C 369 -37.01 -41.53 10.55
C GLY C 369 -37.06 -40.01 10.60
N ARG C 370 -36.09 -39.35 11.22
CA ARG C 370 -36.10 -37.88 11.51
C ARG C 370 -34.88 -37.20 10.89
N SER C 371 -35.06 -35.96 10.42
CA SER C 371 -34.00 -35.06 9.88
C SER C 371 -33.01 -34.71 10.99
N SER C 372 -31.71 -34.87 10.73
CA SER C 372 -30.61 -34.51 11.66
C SER C 372 -30.54 -32.99 11.83
N GLY C 373 -30.80 -32.23 10.76
CA GLY C 373 -30.84 -30.76 10.76
C GLY C 373 -31.99 -30.22 11.59
N ASP C 374 -33.14 -30.90 11.57
CA ASP C 374 -34.35 -30.54 12.34
C ASP C 374 -34.09 -30.76 13.84
N VAL C 375 -33.43 -31.87 14.19
CA VAL C 375 -33.08 -32.22 15.61
C VAL C 375 -32.12 -31.15 16.15
N ALA C 376 -31.07 -30.83 15.41
CA ALA C 376 -30.02 -29.84 15.78
C ALA C 376 -30.64 -28.43 15.89
N MET C 377 -31.56 -28.08 14.98
CA MET C 377 -32.28 -26.78 14.98
C MET C 377 -33.11 -26.66 16.28
N ARG C 378 -33.91 -27.68 16.58
CA ARG C 378 -34.81 -27.70 17.77
C ARG C 378 -33.99 -27.52 19.05
N VAL C 379 -32.83 -28.18 19.16
CA VAL C 379 -31.92 -28.08 20.34
C VAL C 379 -31.35 -26.65 20.41
N ASN C 380 -30.80 -26.15 19.30
CA ASN C 380 -30.09 -24.85 19.25
C ASN C 380 -31.08 -23.68 19.37
N THR C 381 -32.31 -23.84 18.87
CA THR C 381 -33.40 -22.83 18.98
C THR C 381 -33.78 -22.65 20.46
N ARG C 382 -33.82 -23.74 21.23
CA ARG C 382 -34.00 -23.71 22.71
C ARG C 382 -32.77 -23.06 23.36
N ASN C 383 -31.58 -23.38 22.85
CA ASN C 383 -30.30 -22.67 23.11
C ASN C 383 -29.84 -22.91 24.56
N ARG C 384 -30.29 -23.99 25.21
CA ARG C 384 -29.73 -24.49 26.48
C ARG C 384 -28.46 -25.30 26.16
N PHE C 385 -28.42 -25.91 24.97
CA PHE C 385 -27.27 -26.69 24.45
C PHE C 385 -26.98 -26.27 23.00
N ARG C 386 -25.70 -26.22 22.63
CA ARG C 386 -25.22 -25.94 21.24
C ARG C 386 -24.63 -27.24 20.66
N ILE C 387 -25.35 -27.86 19.72
CA ILE C 387 -24.89 -29.05 18.95
C ILE C 387 -24.88 -28.66 17.46
N THR C 388 -24.58 -29.62 16.57
CA THR C 388 -24.48 -29.38 15.11
C THR C 388 -25.03 -30.58 14.32
N SER C 389 -25.30 -30.35 13.04
CA SER C 389 -25.75 -31.36 12.05
C SER C 389 -25.02 -31.14 10.73
N GLY C 390 -25.13 -32.09 9.79
CA GLY C 390 -24.69 -31.93 8.40
C GLY C 390 -23.57 -32.89 8.02
N THR C 391 -22.76 -32.47 7.06
CA THR C 391 -21.61 -33.22 6.48
C THR C 391 -20.32 -32.83 7.22
N LEU C 392 -20.29 -31.64 7.83
CA LEU C 392 -19.20 -31.13 8.68
C LEU C 392 -17.87 -31.17 7.91
N MET C 393 -17.89 -30.73 6.64
CA MET C 393 -16.69 -30.52 5.78
C MET C 393 -15.95 -31.86 5.56
N ALA C 394 -16.64 -32.99 5.70
CA ALA C 394 -16.07 -34.35 5.59
C ALA C 394 -17.06 -35.25 4.84
N PRO C 395 -17.35 -34.96 3.54
CA PRO C 395 -18.30 -35.75 2.76
C PRO C 395 -17.88 -37.21 2.50
N ARG C 396 -16.58 -37.48 2.46
CA ARG C 396 -16.03 -38.83 2.16
C ARG C 396 -16.38 -39.78 3.30
N PRO C 397 -16.00 -39.51 4.57
CA PRO C 397 -16.41 -40.38 5.68
C PRO C 397 -17.94 -40.43 5.86
N THR C 398 -18.61 -39.28 5.76
CA THR C 398 -20.08 -39.13 6.01
C THR C 398 -20.86 -39.98 4.98
N TRP C 399 -20.68 -39.71 3.68
CA TRP C 399 -21.57 -40.22 2.59
C TRP C 399 -21.03 -41.51 1.94
N ASP C 400 -19.72 -41.72 1.92
CA ASP C 400 -19.10 -42.91 1.28
C ASP C 400 -18.97 -44.05 2.29
N VAL C 401 -18.81 -43.75 3.59
CA VAL C 401 -18.55 -44.76 4.65
C VAL C 401 -19.80 -44.92 5.55
N LEU C 402 -20.14 -43.88 6.32
CA LEU C 402 -21.18 -43.92 7.39
C LEU C 402 -22.57 -44.08 6.75
N LYS C 403 -22.88 -43.30 5.71
CA LYS C 403 -24.13 -43.40 4.90
C LYS C 403 -25.36 -43.22 5.78
N PRO C 404 -25.53 -42.05 6.45
CA PRO C 404 -26.75 -41.79 7.19
C PRO C 404 -27.96 -41.72 6.24
N LYS C 405 -29.09 -42.29 6.66
CA LYS C 405 -30.36 -42.35 5.88
C LYS C 405 -30.99 -40.95 5.80
N SER C 406 -30.66 -40.08 6.77
CA SER C 406 -31.03 -38.64 6.80
C SER C 406 -30.29 -37.91 5.67
N SER C 407 -31.02 -37.20 4.80
CA SER C 407 -30.46 -36.38 3.69
C SER C 407 -29.67 -35.20 4.27
N ASP C 408 -30.05 -34.73 5.47
CA ASP C 408 -29.41 -33.61 6.19
C ASP C 408 -28.06 -34.05 6.77
N GLY C 409 -27.78 -35.36 6.82
CA GLY C 409 -26.49 -35.91 7.28
C GLY C 409 -26.55 -36.37 8.74
N LEU C 410 -25.48 -36.10 9.49
CA LEU C 410 -25.27 -36.62 10.87
C LEU C 410 -25.71 -35.58 11.90
N VAL C 411 -26.05 -36.03 13.10
CA VAL C 411 -26.03 -35.21 14.35
C VAL C 411 -24.71 -35.51 15.06
N ARG C 412 -24.02 -34.47 15.54
CA ARG C 412 -22.75 -34.63 16.29
C ARG C 412 -22.83 -33.86 17.62
N VAL C 413 -22.53 -34.55 18.72
CA VAL C 413 -22.24 -33.95 20.05
C VAL C 413 -20.76 -34.20 20.34
N SER C 414 -20.04 -33.15 20.76
CA SER C 414 -18.57 -33.16 20.95
C SER C 414 -18.22 -32.45 22.27
N PHE C 415 -17.65 -33.19 23.21
CA PHE C 415 -17.31 -32.73 24.58
C PHE C 415 -15.81 -32.42 24.66
N VAL C 416 -15.46 -31.49 25.56
CA VAL C 416 -14.08 -31.27 26.08
C VAL C 416 -14.18 -31.20 27.60
N HIS C 417 -13.04 -31.21 28.29
CA HIS C 417 -12.91 -31.45 29.75
C HIS C 417 -13.75 -30.46 30.57
N TYR C 418 -14.06 -29.26 30.03
CA TYR C 418 -14.78 -28.18 30.78
C TYR C 418 -16.30 -28.41 30.76
N ASN C 419 -16.79 -29.42 30.02
CA ASN C 419 -18.20 -29.88 30.06
C ASN C 419 -18.42 -30.73 31.32
N THR C 420 -19.66 -30.76 31.83
CA THR C 420 -20.05 -31.38 33.12
C THR C 420 -21.06 -32.52 32.89
N VAL C 421 -21.15 -33.45 33.85
CA VAL C 421 -22.11 -34.60 33.84
C VAL C 421 -23.54 -34.06 33.97
N GLU C 422 -23.72 -32.93 34.65
CA GLU C 422 -25.05 -32.27 34.85
C GLU C 422 -25.59 -31.80 33.50
N GLU C 423 -24.72 -31.27 32.63
CA GLU C 423 -25.09 -30.81 31.27
C GLU C 423 -25.52 -32.01 30.42
N VAL C 424 -24.70 -33.06 30.36
CA VAL C 424 -24.94 -34.27 29.52
C VAL C 424 -26.28 -34.89 29.92
N ARG C 425 -26.49 -35.13 31.22
CA ARG C 425 -27.75 -35.70 31.80
C ARG C 425 -28.95 -34.83 31.40
N ALA C 426 -28.80 -33.51 31.45
CA ALA C 426 -29.87 -32.54 31.09
C ALA C 426 -30.07 -32.53 29.57
N PHE C 427 -29.00 -32.71 28.78
CA PHE C 427 -29.05 -32.76 27.29
C PHE C 427 -29.83 -34.01 26.86
N CYS C 428 -29.51 -35.15 27.47
CA CYS C 428 -30.19 -36.47 27.25
C CYS C 428 -31.70 -36.32 27.47
N SER C 429 -32.10 -35.67 28.58
CA SER C 429 -33.52 -35.41 28.94
C SER C 429 -34.20 -34.57 27.86
N GLU C 430 -33.53 -33.50 27.39
CA GLU C 430 -34.07 -32.56 26.37
C GLU C 430 -34.21 -33.31 25.04
N LEU C 431 -33.17 -34.03 24.62
CA LEU C 431 -33.15 -34.82 23.36
C LEU C 431 -34.31 -35.82 23.38
N ASP C 432 -34.54 -36.49 24.52
CA ASP C 432 -35.64 -37.46 24.73
C ASP C 432 -36.99 -36.76 24.50
N GLU C 433 -37.19 -35.57 25.08
CA GLU C 433 -38.43 -34.76 24.96
C GLU C 433 -38.68 -34.40 23.50
N ILE C 434 -37.63 -33.95 22.80
CA ILE C 434 -37.68 -33.53 21.35
C ILE C 434 -38.01 -34.76 20.49
N VAL C 435 -37.43 -35.93 20.82
CA VAL C 435 -37.57 -37.19 20.04
C VAL C 435 -38.94 -37.83 20.34
N THR C 436 -39.36 -37.88 21.60
CA THR C 436 -40.61 -38.57 22.06
C THR C 436 -41.86 -37.79 21.61
N ARG C 437 -41.73 -36.49 21.32
CA ARG C 437 -42.85 -35.60 20.90
C ARG C 437 -43.37 -36.02 19.52
#